data_1UBR
#
_entry.id   1UBR
#
_cell.length_a   98.080
_cell.length_b   126.010
_cell.length_c   66.570
_cell.angle_alpha   90.00
_cell.angle_beta   90.00
_cell.angle_gamma   90.00
#
_symmetry.space_group_name_H-M   'P 21 21 21'
#
loop_
_entity.id
_entity.type
_entity.pdbx_description
1 polymer 'Periplasmic [NiFe] hydrogenase Small subunit'
2 polymer 'Periplasmic [NiFe] hydrogenase Large subunit'
3 non-polymer 'IRON/SULFUR CLUSTER'
4 non-polymer 'FE3-S4 CLUSTER'
5 non-polymer 'MAGNESIUM ION'
6 non-polymer (MU-SULPHIDO)-BIS(MU-CYS,S)-[TRICARBONYLIRON-DI-(CYS,S)NICKEL(II)](FE-NI)
7 non-polymer 'CARBON MONOXIDE'
8 water water
#
loop_
_entity_poly.entity_id
_entity_poly.type
_entity_poly.pdbx_seq_one_letter_code
_entity_poly.pdbx_strand_id
1 'polypeptide(L)'
;LMGPRRPSVVYLHNAECTGCSESVLRAFEPYIDTLILDTLSLDYHETIMAAAGDAAEAALEQAVNSPHGFIAVVEGGIPT
AANGIYGKVANHTMLDICSRILPKAQAVIAYGTCATFGGVQAAKPNPTGAKGVNDALKHLGVKAINIAGCPPNPYNLVGT
IVYYLKNKAAPELDSLNRPTMFFGQTVHEQCPRLPHFDAGEFAPSFESEEARKGWCLYELGCKGPVTMNNCPKIKFNQTN
WPVDAGHPCIGCSEPDFWDAMTPFYQN
;
S
2 'polypeptide(L)'
;SSYSGPIVVDPVTRIEGHLRIEVEVENGKVKNAYSSSTLFRGLEIILKGRDPRDAQHFTQRTCGVCTYTHALASTRCVDN
AVGVHIPKNATYIRNLVLGAQYLHDHIVHFYHLHALDFVDVTAALKADPAKAAKVASSISPRKTTAADLKAVQDKLKTFV
ETGQLGPFTNAYFLGGHPAYYLDPETNLIATAHYLEALRLQVKAARAMAVFGAKNPHTQFTVVGGVTCYDALTPQRIAEF
EALWKETKAFVDEVYIPDLLVVAAAYKDWTQYGGTDNFITFGEFPKDEYDLNSRFFKPGVVFKRDFKNIKPFDKMQIEEH
VRHSWYEGAEARHPWKGQTQPKYTDLHGDDRYSWMKAPRYMGEPMETGPLAQVLIAYSQGHPKVKAVTDAVLAKLGVGPE
ALFSTLGRTAARGIETAVIAEYVGVMLQEYKDNIAKGDNVICAPWEMPKQAEGVGFVNAPRGGLSHWIRIEDGKIGNFQL
VVPSTWTLGPRCDKNKLSPVEASLIGTPVADAKRPVEILRTVHSFDPCIACGVH
;
L
#
loop_
_chem_comp.id
_chem_comp.type
_chem_comp.name
_chem_comp.formula
CMO non-polymer 'CARBON MONOXIDE' 'C O'
F3S non-polymer 'FE3-S4 CLUSTER' 'Fe3 S4'
FNE non-polymer (MU-SULPHIDO)-BIS(MU-CYS,S)-[TRICARBONYLIRON-DI-(CYS,S)NICKEL(II)](FE-NI) 'C3 Fe Ni O3 S'
MG non-polymer 'MAGNESIUM ION' 'Mg 2'
SF4 non-polymer 'IRON/SULFUR CLUSTER' 'Fe4 S4'
#
# COMPACT_ATOMS: atom_id res chain seq x y z
N LEU A 1 -26.73 -3.26 -2.90
CA LEU A 1 -25.58 -3.45 -2.07
C LEU A 1 -25.93 -3.80 -0.60
N MET A 2 -27.09 -3.31 -0.19
CA MET A 2 -27.77 -3.30 1.09
C MET A 2 -29.23 -2.80 0.95
N GLY A 3 -29.99 -3.29 1.89
CA GLY A 3 -31.25 -3.06 2.48
C GLY A 3 -31.35 -3.66 3.87
N PRO A 4 -31.76 -4.93 3.83
CA PRO A 4 -31.96 -5.81 4.98
C PRO A 4 -31.02 -5.65 6.19
N ARG A 5 -30.92 -6.82 6.78
CA ARG A 5 -30.49 -7.22 8.09
C ARG A 5 -29.12 -6.64 8.43
N ARG A 6 -28.04 -6.47 7.65
CA ARG A 6 -26.78 -6.02 8.27
C ARG A 6 -26.67 -4.51 8.12
N PRO A 7 -26.14 -3.79 9.11
CA PRO A 7 -26.02 -2.33 8.99
C PRO A 7 -25.04 -1.94 7.88
N SER A 8 -25.45 -0.97 7.08
CA SER A 8 -24.72 -0.49 5.93
C SER A 8 -23.59 0.46 6.30
N VAL A 9 -22.41 0.24 5.76
CA VAL A 9 -21.26 1.12 6.01
C VAL A 9 -20.80 1.62 4.64
N VAL A 10 -20.62 2.92 4.54
CA VAL A 10 -20.05 3.58 3.37
C VAL A 10 -18.67 4.08 3.80
N TYR A 11 -17.62 3.64 3.16
CA TYR A 11 -16.24 3.91 3.58
C TYR A 11 -15.66 4.82 2.50
N LEU A 12 -15.26 6.03 2.89
CA LEU A 12 -14.78 7.03 1.95
C LEU A 12 -13.29 7.25 2.11
N HIS A 13 -12.63 7.50 1.00
CA HIS A 13 -11.21 7.82 0.98
C HIS A 13 -10.96 9.23 0.44
N ASN A 14 -10.47 10.10 1.31
CA ASN A 14 -10.12 11.46 0.93
C ASN A 14 -8.61 11.57 0.65
N ALA A 15 -7.89 12.46 1.32
CA ALA A 15 -6.45 12.60 1.15
C ALA A 15 -5.85 11.68 2.20
N GLU A 16 -5.37 10.51 1.76
CA GLU A 16 -5.01 9.43 2.62
C GLU A 16 -3.96 8.56 1.96
N CYS A 17 -3.27 7.73 2.77
CA CYS A 17 -2.22 6.86 2.33
C CYS A 17 -2.69 5.41 2.28
N THR A 18 -3.90 5.14 2.71
CA THR A 18 -4.54 3.81 2.72
C THR A 18 -4.01 2.94 3.84
N GLY A 19 -3.16 3.50 4.72
CA GLY A 19 -2.72 2.80 5.92
C GLY A 19 -3.88 2.56 6.85
N CYS A 20 -4.85 3.50 6.89
CA CYS A 20 -5.98 3.22 7.78
C CYS A 20 -6.82 2.10 7.21
N SER A 21 -7.11 2.05 5.91
CA SER A 21 -7.79 0.90 5.36
C SER A 21 -7.05 -0.39 5.66
N GLU A 22 -5.74 -0.38 5.48
CA GLU A 22 -4.97 -1.60 5.76
C GLU A 22 -5.08 -1.99 7.21
N SER A 23 -5.10 -1.00 8.14
CA SER A 23 -5.19 -1.39 9.54
C SER A 23 -6.50 -2.17 9.78
N VAL A 24 -7.59 -1.84 9.06
CA VAL A 24 -8.85 -2.57 9.33
C VAL A 24 -8.73 -4.02 8.87
N LEU A 25 -7.96 -4.22 7.79
CA LEU A 25 -7.78 -5.57 7.30
C LEU A 25 -7.02 -6.38 8.35
N ARG A 26 -6.34 -5.76 9.32
CA ARG A 26 -5.63 -6.55 10.34
C ARG A 26 -6.55 -6.92 11.49
N ALA A 27 -7.85 -6.65 11.38
CA ALA A 27 -8.80 -6.93 12.45
C ALA A 27 -8.66 -8.35 12.97
N PHE A 28 -8.72 -8.56 14.27
CA PHE A 28 -8.47 -9.86 14.89
C PHE A 28 -9.59 -10.19 15.89
N GLU A 29 -10.34 -11.26 15.69
CA GLU A 29 -11.37 -11.72 16.62
C GLU A 29 -12.30 -10.59 17.05
N PRO A 30 -13.14 -10.08 16.17
CA PRO A 30 -13.35 -10.64 14.85
C PRO A 30 -12.37 -10.20 13.76
N TYR A 31 -12.21 -11.14 12.81
CA TYR A 31 -11.46 -10.87 11.60
C TYR A 31 -12.31 -10.15 10.55
N ILE A 32 -11.63 -9.65 9.54
CA ILE A 32 -12.31 -8.81 8.55
C ILE A 32 -13.32 -9.62 7.75
N ASP A 33 -13.11 -10.93 7.52
CA ASP A 33 -14.18 -11.66 6.81
C ASP A 33 -15.43 -11.74 7.66
N THR A 34 -15.34 -12.04 8.96
CA THR A 34 -16.55 -11.99 9.80
C THR A 34 -17.23 -10.62 9.79
N LEU A 35 -16.39 -9.57 9.89
CA LEU A 35 -16.90 -8.21 9.86
C LEU A 35 -17.68 -7.95 8.56
N ILE A 36 -17.18 -8.31 7.39
CA ILE A 36 -17.85 -8.01 6.11
C ILE A 36 -18.99 -8.96 5.74
N LEU A 37 -18.94 -10.21 6.24
CA LEU A 37 -19.99 -11.15 5.92
C LEU A 37 -21.08 -11.20 6.98
N ASP A 38 -20.74 -10.98 8.25
CA ASP A 38 -21.71 -11.23 9.32
C ASP A 38 -22.11 -9.96 10.05
N THR A 39 -21.13 -9.10 10.35
CA THR A 39 -21.46 -8.00 11.24
C THR A 39 -22.05 -6.79 10.55
N LEU A 40 -21.48 -6.51 9.39
CA LEU A 40 -21.69 -5.25 8.70
C LEU A 40 -21.99 -5.53 7.24
N SER A 41 -22.54 -4.56 6.52
CA SER A 41 -22.59 -4.64 5.07
C SER A 41 -21.70 -3.51 4.52
N LEU A 42 -20.54 -3.90 3.94
CA LEU A 42 -19.60 -2.91 3.44
C LEU A 42 -19.97 -2.52 2.01
N ASP A 43 -20.66 -1.39 1.87
CA ASP A 43 -21.44 -1.09 0.65
C ASP A 43 -20.69 -0.18 -0.30
N TYR A 44 -19.62 0.42 0.18
CA TYR A 44 -18.75 1.18 -0.71
C TYR A 44 -17.37 1.20 -0.06
N HIS A 45 -16.30 0.88 -0.80
CA HIS A 45 -14.94 0.92 -0.31
C HIS A 45 -14.01 0.78 -1.50
N GLU A 46 -13.38 1.90 -1.92
CA GLU A 46 -12.65 1.90 -3.18
C GLU A 46 -11.50 0.91 -3.18
N THR A 47 -10.95 0.51 -2.04
CA THR A 47 -9.79 -0.37 -2.10
C THR A 47 -10.15 -1.78 -2.48
N ILE A 48 -11.36 -2.21 -2.07
CA ILE A 48 -11.59 -3.66 -2.29
C ILE A 48 -12.87 -3.90 -3.09
N MET A 49 -13.68 -2.88 -3.41
CA MET A 49 -14.97 -3.18 -4.07
C MET A 49 -14.75 -3.65 -5.51
N ALA A 50 -15.64 -4.50 -6.00
CA ALA A 50 -15.57 -5.07 -7.35
C ALA A 50 -15.87 -4.01 -8.43
N ALA A 51 -16.91 -3.19 -8.22
CA ALA A 51 -17.29 -2.24 -9.23
C ALA A 51 -16.28 -1.09 -9.32
N ALA A 52 -16.12 -0.52 -10.50
CA ALA A 52 -15.30 0.68 -10.70
C ALA A 52 -16.07 1.70 -11.53
N GLY A 53 -15.53 2.89 -11.64
CA GLY A 53 -16.17 3.85 -12.53
C GLY A 53 -17.62 4.15 -12.22
N ASP A 54 -18.42 4.29 -13.27
CA ASP A 54 -19.84 4.61 -13.16
C ASP A 54 -20.55 3.60 -12.26
N ALA A 55 -20.13 2.34 -12.38
CA ALA A 55 -20.74 1.27 -11.59
C ALA A 55 -20.48 1.47 -10.08
N ALA A 56 -19.26 1.91 -9.74
CA ALA A 56 -18.91 2.25 -8.38
C ALA A 56 -19.67 3.48 -7.90
N GLU A 57 -19.74 4.50 -8.75
CA GLU A 57 -20.55 5.65 -8.39
C GLU A 57 -22.00 5.29 -8.12
N ALA A 58 -22.57 4.40 -8.92
CA ALA A 58 -23.96 4.01 -8.71
C ALA A 58 -24.08 3.24 -7.40
N ALA A 59 -23.13 2.37 -7.10
CA ALA A 59 -23.17 1.68 -5.80
C ALA A 59 -23.16 2.69 -4.67
N LEU A 60 -22.36 3.75 -4.79
CA LEU A 60 -22.30 4.71 -3.69
C LEU A 60 -23.65 5.41 -3.51
N GLU A 61 -24.24 5.87 -4.61
CA GLU A 61 -25.53 6.58 -4.50
C GLU A 61 -26.58 5.69 -3.88
N GLN A 62 -26.57 4.41 -4.34
CA GLN A 62 -27.64 3.56 -3.83
C GLN A 62 -27.42 3.33 -2.35
N ALA A 63 -26.17 3.29 -1.86
CA ALA A 63 -25.97 3.07 -0.43
C ALA A 63 -26.36 4.33 0.37
N VAL A 64 -25.95 5.49 -0.14
CA VAL A 64 -26.20 6.68 0.68
C VAL A 64 -27.69 6.93 0.67
N ASN A 65 -28.42 6.65 -0.39
CA ASN A 65 -29.84 7.03 -0.37
C ASN A 65 -30.73 5.96 0.23
N SER A 66 -30.13 4.94 0.83
CA SER A 66 -31.01 3.88 1.28
C SER A 66 -31.91 4.36 2.41
N PRO A 67 -33.19 4.00 2.36
CA PRO A 67 -34.08 4.30 3.47
C PRO A 67 -33.67 3.54 4.72
N HIS A 68 -32.81 2.52 4.60
CA HIS A 68 -32.37 1.81 5.79
C HIS A 68 -31.28 2.56 6.56
N GLY A 69 -30.66 3.55 5.95
CA GLY A 69 -29.68 4.32 6.73
C GLY A 69 -28.29 3.75 6.51
N PHE A 70 -27.25 4.56 6.71
CA PHE A 70 -25.90 4.04 6.63
C PHE A 70 -25.03 4.73 7.66
N ILE A 71 -23.94 4.08 8.01
CA ILE A 71 -22.87 4.61 8.84
C ILE A 71 -21.76 5.00 7.87
N ALA A 72 -21.16 6.18 8.02
CA ALA A 72 -19.99 6.53 7.21
C ALA A 72 -18.71 6.34 8.01
N VAL A 73 -17.71 5.70 7.41
CA VAL A 73 -16.36 5.67 7.96
C VAL A 73 -15.49 6.43 6.96
N VAL A 74 -14.75 7.43 7.42
CA VAL A 74 -14.01 8.32 6.55
C VAL A 74 -12.52 8.26 6.86
N GLU A 75 -11.73 7.97 5.83
CA GLU A 75 -10.26 7.94 5.92
C GLU A 75 -9.70 9.11 5.14
N GLY A 76 -8.76 9.85 5.70
CA GLY A 76 -8.09 10.93 5.01
C GLY A 76 -8.66 12.31 5.33
N GLY A 77 -7.78 13.31 5.18
CA GLY A 77 -8.14 14.71 5.37
C GLY A 77 -8.84 15.24 4.13
N ILE A 78 -9.59 16.35 4.28
CA ILE A 78 -10.28 16.94 3.16
C ILE A 78 -9.50 18.14 2.64
N PRO A 79 -8.97 18.10 1.42
CA PRO A 79 -8.25 19.29 0.94
C PRO A 79 -9.25 20.37 0.57
N THR A 80 -9.00 21.56 1.18
CA THR A 80 -9.97 22.66 0.94
C THR A 80 -9.40 23.83 0.16
N ALA A 81 -8.08 23.89 -0.01
CA ALA A 81 -7.52 25.04 -0.75
C ALA A 81 -7.98 25.08 -2.18
N ALA A 82 -7.95 26.21 -2.84
CA ALA A 82 -8.33 26.34 -4.25
C ALA A 82 -9.65 25.63 -4.54
N ASN A 83 -10.64 25.78 -3.65
CA ASN A 83 -11.98 25.26 -3.82
C ASN A 83 -12.06 23.73 -3.93
N GLY A 84 -11.12 23.08 -3.25
CA GLY A 84 -11.09 21.63 -3.10
C GLY A 84 -10.42 20.89 -4.24
N ILE A 85 -9.81 21.57 -5.20
CA ILE A 85 -9.24 21.02 -6.44
C ILE A 85 -8.16 19.97 -6.28
N TYR A 86 -7.50 19.95 -5.10
CA TYR A 86 -6.31 19.07 -4.96
C TYR A 86 -6.72 17.62 -4.75
N GLY A 87 -7.99 17.35 -4.50
CA GLY A 87 -8.45 15.97 -4.36
C GLY A 87 -9.82 15.81 -4.99
N LYS A 88 -9.91 14.94 -6.01
CA LYS A 88 -11.18 14.67 -6.65
C LYS A 88 -11.37 13.17 -6.82
N VAL A 89 -12.64 12.73 -6.71
CA VAL A 89 -13.00 11.35 -7.09
C VAL A 89 -14.14 11.44 -8.08
N ALA A 90 -14.13 10.76 -9.22
CA ALA A 90 -15.22 10.85 -10.19
C ALA A 90 -15.41 12.30 -10.60
N ASN A 91 -14.32 13.04 -10.61
CA ASN A 91 -14.24 14.44 -11.00
C ASN A 91 -15.09 15.33 -10.09
N HIS A 92 -15.37 14.91 -8.86
CA HIS A 92 -15.95 15.75 -7.85
C HIS A 92 -14.93 16.03 -6.74
N THR A 93 -14.92 17.23 -6.17
CA THR A 93 -13.91 17.43 -5.13
C THR A 93 -14.26 16.60 -3.91
N MET A 94 -13.26 16.21 -3.14
CA MET A 94 -13.57 15.48 -1.92
C MET A 94 -14.39 16.33 -0.96
N LEU A 95 -14.18 17.63 -0.96
CA LEU A 95 -14.96 18.52 -0.07
C LEU A 95 -16.42 18.44 -0.46
N ASP A 96 -16.68 18.48 -1.76
CA ASP A 96 -18.09 18.38 -2.18
C ASP A 96 -18.70 17.03 -1.85
N ILE A 97 -17.96 15.96 -2.10
CA ILE A 97 -18.44 14.61 -1.87
C ILE A 97 -18.82 14.49 -0.38
N CYS A 98 -17.86 14.88 0.46
CA CYS A 98 -18.14 14.71 1.88
C CYS A 98 -19.24 15.67 2.35
N SER A 99 -19.28 16.89 1.78
CA SER A 99 -20.36 17.81 2.14
C SER A 99 -21.73 17.25 1.82
N ARG A 100 -21.84 16.50 0.73
CA ARG A 100 -23.14 15.98 0.36
C ARG A 100 -23.48 14.66 1.06
N ILE A 101 -22.48 13.82 1.33
CA ILE A 101 -22.81 12.48 1.88
C ILE A 101 -22.86 12.48 3.40
N LEU A 102 -21.89 13.14 4.04
CA LEU A 102 -21.80 12.93 5.50
C LEU A 102 -22.97 13.48 6.26
N PRO A 103 -23.58 14.60 5.93
CA PRO A 103 -24.81 14.96 6.65
C PRO A 103 -25.95 13.97 6.47
N LYS A 104 -25.87 13.01 5.55
CA LYS A 104 -26.96 12.04 5.43
C LYS A 104 -26.72 10.79 6.28
N ALA A 105 -25.52 10.63 6.83
CA ALA A 105 -25.22 9.42 7.59
C ALA A 105 -25.94 9.39 8.91
N GLN A 106 -26.28 8.20 9.42
CA GLN A 106 -26.85 8.13 10.77
C GLN A 106 -25.77 8.41 11.80
N ALA A 107 -24.52 8.12 11.44
CA ALA A 107 -23.37 8.37 12.32
C ALA A 107 -22.14 8.42 11.42
N VAL A 108 -21.16 9.22 11.80
CA VAL A 108 -19.92 9.33 11.04
C VAL A 108 -18.76 9.01 11.98
N ILE A 109 -17.85 8.15 11.52
CA ILE A 109 -16.60 7.91 12.22
C ILE A 109 -15.45 8.39 11.36
N ALA A 110 -14.68 9.33 11.89
CA ALA A 110 -13.46 9.78 11.24
C ALA A 110 -12.37 8.80 11.67
N TYR A 111 -11.78 8.06 10.76
CA TYR A 111 -10.83 7.02 11.17
C TYR A 111 -9.44 7.39 10.70
N GLY A 112 -8.53 7.60 11.66
CA GLY A 112 -7.16 7.97 11.45
C GLY A 112 -6.97 9.48 11.67
N THR A 113 -5.77 9.83 12.13
CA THR A 113 -5.45 11.22 12.39
C THR A 113 -5.68 12.14 11.21
N CYS A 114 -5.52 11.68 10.00
CA CYS A 114 -5.85 12.58 8.87
C CYS A 114 -7.32 12.94 8.86
N ALA A 115 -8.20 11.92 8.94
CA ALA A 115 -9.61 12.27 8.98
C ALA A 115 -9.98 12.99 10.25
N THR A 116 -9.38 12.66 11.39
CA THR A 116 -9.82 13.33 12.60
C THR A 116 -9.31 14.76 12.65
N PHE A 117 -8.03 14.96 12.34
CA PHE A 117 -7.38 16.23 12.68
C PHE A 117 -6.67 16.88 11.51
N GLY A 118 -6.66 16.26 10.32
CA GLY A 118 -6.01 16.86 9.15
C GLY A 118 -4.78 16.09 8.74
N GLY A 119 -3.97 15.63 9.70
CA GLY A 119 -2.94 14.64 9.38
C GLY A 119 -1.78 15.16 8.55
N VAL A 120 -1.11 14.21 7.86
CA VAL A 120 0.22 14.48 7.34
C VAL A 120 0.12 15.57 6.28
N GLN A 121 -0.90 15.58 5.43
CA GLN A 121 -0.90 16.63 4.40
C GLN A 121 -1.30 17.95 5.00
N ALA A 122 -1.80 17.98 6.24
CA ALA A 122 -2.08 19.28 6.88
C ALA A 122 -0.87 19.88 7.60
N ALA A 123 0.26 19.13 7.67
CA ALA A 123 1.47 19.69 8.31
C ALA A 123 1.94 20.89 7.52
N LYS A 124 2.62 21.80 8.23
CA LYS A 124 3.10 23.03 7.60
C LYS A 124 3.90 22.75 6.34
N PRO A 125 3.73 23.50 5.27
CA PRO A 125 2.83 24.67 5.18
C PRO A 125 1.45 24.32 4.63
N ASN A 126 1.02 23.06 4.72
CA ASN A 126 -0.33 22.65 4.31
C ASN A 126 -0.70 23.18 2.92
N PRO A 127 0.03 22.79 1.87
CA PRO A 127 -0.24 23.38 0.55
C PRO A 127 -1.64 23.08 0.08
N THR A 128 -2.28 21.98 0.50
CA THR A 128 -3.60 21.74 -0.05
C THR A 128 -4.75 22.20 0.83
N GLY A 129 -4.45 22.89 1.92
CA GLY A 129 -5.50 23.33 2.85
C GLY A 129 -6.28 22.15 3.40
N ALA A 130 -5.57 21.09 3.77
CA ALA A 130 -6.20 19.89 4.29
C ALA A 130 -6.77 20.13 5.69
N LYS A 131 -7.98 19.62 5.92
CA LYS A 131 -8.62 19.76 7.23
C LYS A 131 -9.18 18.40 7.68
N GLY A 132 -9.30 18.17 8.99
CA GLY A 132 -10.04 17.01 9.51
C GLY A 132 -11.51 17.17 9.16
N VAL A 133 -12.29 16.12 9.28
CA VAL A 133 -13.69 16.12 8.86
C VAL A 133 -14.50 17.09 9.67
N ASN A 134 -14.38 17.10 10.99
CA ASN A 134 -15.28 17.98 11.78
C ASN A 134 -14.91 19.42 11.57
N ASP A 135 -13.62 19.74 11.33
CA ASP A 135 -13.20 21.12 11.06
C ASP A 135 -13.73 21.56 9.71
N ALA A 136 -13.51 20.73 8.70
CA ALA A 136 -14.01 21.01 7.37
C ALA A 136 -15.52 21.24 7.31
N LEU A 137 -16.25 20.44 8.11
CA LEU A 137 -17.68 20.35 7.87
C LEU A 137 -18.49 20.87 9.05
N LYS A 138 -17.84 21.62 9.91
CA LYS A 138 -18.41 22.26 11.08
C LYS A 138 -19.79 22.88 10.77
N HIS A 139 -19.77 23.63 9.70
CA HIS A 139 -20.88 24.49 9.29
C HIS A 139 -22.05 23.62 8.84
N LEU A 140 -21.78 22.36 8.53
CA LEU A 140 -22.91 21.50 8.15
C LEU A 140 -23.41 20.65 9.30
N GLY A 141 -22.91 20.90 10.51
CA GLY A 141 -23.40 20.17 11.67
C GLY A 141 -22.80 18.79 11.76
N VAL A 142 -21.79 18.43 10.94
CA VAL A 142 -21.21 17.08 11.09
C VAL A 142 -20.35 16.96 12.35
N LYS A 143 -20.59 15.93 13.16
CA LYS A 143 -19.80 15.64 14.34
C LYS A 143 -19.38 14.18 14.31
N ALA A 144 -18.26 13.97 13.68
CA ALA A 144 -17.75 12.61 13.57
C ALA A 144 -17.13 12.13 14.86
N ILE A 145 -17.34 10.87 15.20
CA ILE A 145 -16.52 10.27 16.26
C ILE A 145 -15.09 10.16 15.77
N ASN A 146 -14.11 10.65 16.51
CA ASN A 146 -12.74 10.67 16.04
C ASN A 146 -11.96 9.50 16.61
N ILE A 147 -11.49 8.59 15.75
CA ILE A 147 -10.63 7.50 16.21
C ILE A 147 -9.23 7.79 15.66
N ALA A 148 -8.36 8.34 16.48
CA ALA A 148 -7.07 8.90 16.06
C ALA A 148 -5.98 7.84 16.11
N GLY A 149 -4.88 8.15 15.42
CA GLY A 149 -3.70 7.31 15.27
C GLY A 149 -3.31 7.28 13.79
N CYS A 150 -2.07 6.88 13.52
CA CYS A 150 -1.56 6.97 12.15
C CYS A 150 -0.85 5.70 11.73
N PRO A 151 -1.59 4.61 11.52
CA PRO A 151 -3.03 4.51 11.69
C PRO A 151 -3.47 4.09 13.10
N PRO A 152 -4.74 4.21 13.39
CA PRO A 152 -5.26 3.83 14.71
C PRO A 152 -5.13 2.34 14.89
N ASN A 153 -5.32 1.92 16.15
CA ASN A 153 -5.49 0.50 16.39
C ASN A 153 -6.83 0.07 15.84
N PRO A 154 -6.94 -0.95 14.98
CA PRO A 154 -8.25 -1.34 14.46
C PRO A 154 -9.17 -1.88 15.57
N TYR A 155 -8.60 -2.31 16.70
CA TYR A 155 -9.42 -2.67 17.85
C TYR A 155 -10.35 -1.52 18.22
N ASN A 156 -9.84 -0.30 18.06
CA ASN A 156 -10.61 0.87 18.48
C ASN A 156 -11.74 1.20 17.51
N LEU A 157 -11.55 0.91 16.22
CA LEU A 157 -12.66 1.09 15.28
C LEU A 157 -13.75 0.06 15.49
N VAL A 158 -13.34 -1.22 15.59
CA VAL A 158 -14.40 -2.27 15.72
C VAL A 158 -15.12 -2.04 17.04
N GLY A 159 -14.36 -1.71 18.11
CA GLY A 159 -15.00 -1.47 19.40
C GLY A 159 -16.01 -0.35 19.37
N THR A 160 -15.71 0.72 18.65
CA THR A 160 -16.61 1.86 18.56
C THR A 160 -17.84 1.45 17.76
N ILE A 161 -17.64 0.76 16.64
CA ILE A 161 -18.81 0.32 15.83
C ILE A 161 -19.71 -0.61 16.64
N VAL A 162 -19.10 -1.57 17.34
CA VAL A 162 -19.93 -2.52 18.08
C VAL A 162 -20.73 -1.79 19.14
N TYR A 163 -20.04 -0.84 19.78
CA TYR A 163 -20.75 -0.09 20.83
C TYR A 163 -21.97 0.61 20.23
N TYR A 164 -21.72 1.22 19.09
CA TYR A 164 -22.71 2.06 18.44
C TYR A 164 -23.91 1.19 18.05
N LEU A 165 -23.57 0.03 17.48
CA LEU A 165 -24.69 -0.82 17.07
C LEU A 165 -25.49 -1.33 18.26
N LYS A 166 -24.80 -1.56 19.39
CA LYS A 166 -25.48 -2.05 20.58
C LYS A 166 -26.33 -0.96 21.22
N ASN A 167 -25.63 0.16 21.42
CA ASN A 167 -26.28 1.17 22.27
C ASN A 167 -26.98 2.24 21.46
N LYS A 168 -26.86 2.27 20.14
CA LYS A 168 -27.58 3.25 19.29
C LYS A 168 -27.12 4.67 19.61
N ALA A 169 -25.86 4.78 20.04
CA ALA A 169 -25.27 6.06 20.43
C ALA A 169 -23.76 5.93 20.56
N ALA A 170 -23.14 7.11 20.52
CA ALA A 170 -21.70 7.16 20.65
C ALA A 170 -21.33 6.82 22.08
N PRO A 171 -20.15 6.25 22.28
CA PRO A 171 -19.67 6.09 23.67
C PRO A 171 -19.21 7.45 24.17
N GLU A 172 -18.85 7.48 25.44
CA GLU A 172 -18.29 8.70 26.03
C GLU A 172 -17.10 9.18 25.19
N LEU A 173 -17.11 10.46 24.81
CA LEU A 173 -16.01 11.04 24.03
C LEU A 173 -15.24 12.10 24.80
N ASP A 174 -13.94 12.22 24.51
CA ASP A 174 -13.11 13.25 25.14
C ASP A 174 -13.28 14.59 24.43
N SER A 175 -12.47 15.58 24.86
CA SER A 175 -12.68 16.89 24.24
C SER A 175 -12.16 16.98 22.82
N LEU A 176 -11.50 15.96 22.32
CA LEU A 176 -11.16 15.88 20.89
C LEU A 176 -12.10 14.90 20.17
N ASN A 177 -13.21 14.58 20.84
CA ASN A 177 -14.25 13.71 20.28
C ASN A 177 -13.74 12.28 20.10
N ARG A 178 -12.74 11.85 20.85
CA ARG A 178 -12.24 10.47 20.81
C ARG A 178 -12.86 9.61 21.91
N PRO A 179 -13.24 8.35 21.70
CA PRO A 179 -13.81 7.57 22.81
C PRO A 179 -12.87 7.42 23.99
N THR A 180 -13.35 7.77 25.17
CA THR A 180 -12.52 7.69 26.37
C THR A 180 -12.20 6.25 26.69
N MET A 181 -12.99 5.30 26.17
CA MET A 181 -12.69 3.89 26.52
C MET A 181 -11.38 3.42 25.89
N PHE A 182 -10.88 4.16 24.90
CA PHE A 182 -9.64 3.78 24.24
C PHE A 182 -8.54 4.84 24.40
N PHE A 183 -8.96 6.10 24.52
CA PHE A 183 -8.02 7.22 24.48
C PHE A 183 -7.95 7.93 25.82
N GLY A 184 -8.40 7.26 26.89
CA GLY A 184 -8.47 7.94 28.19
C GLY A 184 -7.20 7.98 28.98
N GLN A 185 -6.16 7.25 28.52
CA GLN A 185 -4.88 7.23 29.27
C GLN A 185 -3.75 7.64 28.36
N THR A 186 -2.70 8.27 28.88
CA THR A 186 -1.52 8.46 28.03
C THR A 186 -0.83 7.14 27.71
N VAL A 187 -0.13 7.13 26.54
CA VAL A 187 0.56 5.85 26.31
C VAL A 187 1.65 5.76 27.41
N HIS A 188 2.22 6.85 27.91
CA HIS A 188 3.28 6.78 28.94
C HIS A 188 2.87 6.14 30.24
N GLU A 189 1.65 6.46 30.72
CA GLU A 189 1.30 5.87 32.03
C GLU A 189 1.13 4.37 31.95
N GLN A 190 0.96 3.82 30.75
CA GLN A 190 0.83 2.40 30.50
C GLN A 190 2.13 1.74 30.10
N CYS A 191 3.21 2.50 30.00
CA CYS A 191 4.42 1.95 29.36
C CYS A 191 5.25 1.11 30.31
N PRO A 192 5.78 -0.03 29.86
CA PRO A 192 6.62 -0.84 30.75
C PRO A 192 7.91 -0.14 31.14
N ARG A 193 8.33 0.93 30.46
CA ARG A 193 9.60 1.57 30.81
C ARG A 193 9.40 2.66 31.85
N LEU A 194 8.17 2.85 32.30
CA LEU A 194 7.90 3.94 33.27
C LEU A 194 8.76 3.87 34.51
N PRO A 195 9.05 2.69 35.07
CA PRO A 195 9.97 2.69 36.22
C PRO A 195 11.31 3.33 35.89
N HIS A 196 11.78 3.18 34.65
CA HIS A 196 13.07 3.81 34.31
C HIS A 196 12.91 5.31 34.24
N PHE A 197 11.83 5.76 33.61
CA PHE A 197 11.53 7.18 33.60
C PHE A 197 11.54 7.72 35.03
N ASP A 198 10.81 7.07 35.93
CA ASP A 198 10.75 7.54 37.33
C ASP A 198 12.14 7.66 37.96
N ALA A 199 13.05 6.76 37.64
CA ALA A 199 14.40 6.70 38.17
C ALA A 199 15.38 7.55 37.37
N GLY A 200 14.88 8.26 36.37
CA GLY A 200 15.75 9.10 35.55
C GLY A 200 16.76 8.25 34.77
N GLU A 201 16.35 7.04 34.42
CA GLU A 201 17.20 6.13 33.65
C GLU A 201 16.84 6.20 32.16
N PHE A 202 17.52 7.06 31.41
CA PHE A 202 17.21 7.34 30.03
C PHE A 202 18.29 6.80 29.10
N ALA A 203 17.88 6.20 27.98
CA ALA A 203 18.89 5.87 26.99
C ALA A 203 19.46 7.12 26.36
N PRO A 204 20.78 7.30 26.27
CA PRO A 204 21.31 8.52 25.63
C PRO A 204 21.44 8.40 24.11
N SER A 205 21.32 7.18 23.59
CA SER A 205 21.47 6.98 22.14
C SER A 205 20.89 5.61 21.81
N PHE A 206 20.56 5.36 20.54
CA PHE A 206 20.02 4.06 20.21
C PHE A 206 21.07 2.97 20.26
N GLU A 207 22.33 3.32 20.04
CA GLU A 207 23.38 2.26 20.11
C GLU A 207 23.81 1.94 21.53
N SER A 208 23.39 2.71 22.54
CA SER A 208 23.88 2.57 23.91
C SER A 208 23.45 1.28 24.59
N GLU A 209 24.23 0.90 25.62
CA GLU A 209 23.87 -0.22 26.48
C GLU A 209 22.58 0.09 27.20
N GLU A 210 22.32 1.36 27.53
CA GLU A 210 21.04 1.68 28.17
C GLU A 210 19.86 1.34 27.25
N ALA A 211 19.96 1.66 25.96
CA ALA A 211 18.88 1.31 25.04
C ALA A 211 18.77 -0.21 24.96
N ARG A 212 19.93 -0.90 24.89
CA ARG A 212 19.89 -2.38 24.85
C ARG A 212 19.15 -2.92 26.07
N LYS A 213 19.36 -2.34 27.26
CA LYS A 213 18.73 -2.80 28.48
C LYS A 213 17.31 -2.31 28.64
N GLY A 214 16.77 -1.55 27.65
CA GLY A 214 15.38 -1.15 27.75
C GLY A 214 15.10 0.08 28.58
N TRP A 215 16.09 0.96 28.74
CA TRP A 215 15.83 2.19 29.49
C TRP A 215 14.88 3.13 28.74
N CYS A 216 14.36 4.13 29.44
CA CYS A 216 13.33 5.01 28.91
C CYS A 216 13.86 5.81 27.69
N LEU A 217 12.98 6.01 26.71
CA LEU A 217 13.31 6.68 25.46
C LEU A 217 12.97 8.16 25.45
N TYR A 218 12.69 8.78 26.59
CA TYR A 218 12.28 10.18 26.63
C TYR A 218 13.37 11.11 26.09
N GLU A 219 14.64 10.85 26.46
CA GLU A 219 15.68 11.76 25.96
C GLU A 219 15.86 11.60 24.46
N LEU A 220 15.39 10.50 23.93
CA LEU A 220 15.49 10.24 22.48
C LEU A 220 14.21 10.68 21.76
N GLY A 221 13.35 11.45 22.47
CA GLY A 221 12.24 12.09 21.81
C GLY A 221 10.88 11.55 22.14
N CYS A 222 10.77 10.50 22.97
CA CYS A 222 9.48 9.87 23.13
C CYS A 222 8.35 10.81 23.55
N LYS A 223 7.26 10.72 22.77
CA LYS A 223 6.11 11.59 23.04
C LYS A 223 5.04 10.84 23.82
N GLY A 224 5.34 9.64 24.35
CA GLY A 224 4.39 8.94 25.21
C GLY A 224 3.74 9.82 26.27
N PRO A 225 4.47 10.68 26.99
CA PRO A 225 3.85 11.47 28.06
C PRO A 225 2.78 12.44 27.60
N VAL A 226 2.74 12.79 26.29
CA VAL A 226 1.75 13.77 25.85
C VAL A 226 0.81 13.17 24.81
N THR A 227 0.73 11.86 24.74
CA THR A 227 -0.05 11.20 23.70
C THR A 227 -1.10 10.27 24.30
N MET A 228 -2.35 10.38 23.87
CA MET A 228 -3.39 9.48 24.40
C MET A 228 -3.68 8.36 23.40
N ASN A 229 -3.50 7.13 23.83
CA ASN A 229 -3.74 5.99 22.93
C ASN A 229 -3.63 4.74 23.79
N ASN A 230 -4.03 3.59 23.26
CA ASN A 230 -4.02 2.38 24.10
C ASN A 230 -2.96 1.40 23.61
N CYS A 231 -1.90 1.93 22.97
CA CYS A 231 -0.87 1.10 22.35
C CYS A 231 -0.20 0.07 23.28
N PRO A 232 0.24 0.43 24.45
CA PRO A 232 0.95 -0.59 25.27
C PRO A 232 0.02 -1.69 25.78
N LYS A 233 -1.29 -1.46 25.82
CA LYS A 233 -2.32 -2.34 26.39
C LYS A 233 -2.75 -3.36 25.34
N ILE A 234 -3.18 -2.84 24.20
CA ILE A 234 -3.72 -3.67 23.13
C ILE A 234 -2.59 -4.20 22.24
N LYS A 235 -1.57 -3.39 22.07
CA LYS A 235 -0.47 -3.62 21.12
C LYS A 235 -1.00 -3.68 19.70
N PHE A 236 -0.10 -3.92 18.75
CA PHE A 236 -0.49 -4.00 17.34
C PHE A 236 -0.17 -5.41 16.84
N ASN A 237 -1.04 -5.91 15.98
CA ASN A 237 -0.87 -7.20 15.31
C ASN A 237 -0.69 -8.30 16.35
N GLN A 238 -1.27 -8.10 17.52
CA GLN A 238 -1.26 -9.08 18.60
C GLN A 238 0.17 -9.34 19.09
N THR A 239 1.10 -8.40 18.88
CA THR A 239 2.47 -8.78 19.25
C THR A 239 3.41 -7.66 19.62
N ASN A 240 3.23 -6.39 19.22
CA ASN A 240 4.29 -5.43 19.52
C ASN A 240 3.76 -4.00 19.49
N TRP A 241 4.61 -3.06 19.91
CA TRP A 241 4.27 -1.64 19.75
C TRP A 241 5.56 -0.84 19.77
N PRO A 242 5.55 0.39 19.31
CA PRO A 242 6.80 1.15 19.13
C PRO A 242 7.79 1.11 20.28
N VAL A 243 7.41 1.39 21.56
CA VAL A 243 8.62 1.45 22.41
C VAL A 243 9.07 0.04 22.77
N ASP A 244 8.24 -1.02 22.68
CA ASP A 244 8.83 -2.36 22.89
C ASP A 244 9.73 -2.78 21.73
N ALA A 245 9.63 -2.13 20.57
CA ALA A 245 10.55 -2.28 19.46
C ALA A 245 11.74 -1.30 19.59
N GLY A 246 11.83 -0.57 20.71
CA GLY A 246 12.98 0.26 21.01
C GLY A 246 12.90 1.66 20.46
N HIS A 247 11.77 2.07 19.91
CA HIS A 247 11.69 3.39 19.27
C HIS A 247 10.71 4.30 20.00
N PRO A 248 11.01 5.57 20.15
CA PRO A 248 10.08 6.45 20.81
C PRO A 248 8.73 6.54 20.09
N CYS A 249 7.69 6.81 20.86
CA CYS A 249 6.38 7.25 20.41
C CYS A 249 6.55 8.58 19.67
N ILE A 250 5.89 8.75 18.54
CA ILE A 250 5.99 10.02 17.79
C ILE A 250 4.69 10.83 17.95
N GLY A 251 3.74 10.39 18.77
CA GLY A 251 2.58 11.18 19.19
C GLY A 251 1.45 11.07 18.19
N CYS A 252 1.32 9.95 17.49
CA CYS A 252 0.58 9.95 16.22
C CYS A 252 -0.93 9.96 16.38
N SER A 253 -1.47 9.90 17.58
CA SER A 253 -2.90 10.06 17.81
C SER A 253 -3.28 11.47 18.25
N GLU A 254 -2.31 12.43 18.17
CA GLU A 254 -2.64 13.76 18.62
C GLU A 254 -2.81 14.76 17.48
N PRO A 255 -3.67 15.76 17.66
CA PRO A 255 -3.85 16.72 16.55
C PRO A 255 -2.55 17.44 16.23
N ASP A 256 -2.36 17.71 14.92
CA ASP A 256 -1.22 18.53 14.54
C ASP A 256 0.08 17.88 14.95
N PHE A 257 0.15 16.56 15.11
CA PHE A 257 1.35 16.01 15.75
C PHE A 257 2.56 16.19 14.84
N TRP A 258 2.37 16.21 13.54
CA TRP A 258 3.55 16.40 12.65
C TRP A 258 4.31 17.69 12.97
N ASP A 259 3.60 18.71 13.49
CA ASP A 259 4.26 19.97 13.80
C ASP A 259 4.47 20.09 15.31
N ALA A 260 3.56 19.56 16.12
CA ALA A 260 3.72 19.72 17.58
C ALA A 260 4.79 18.83 18.16
N MET A 261 4.99 17.64 17.59
CA MET A 261 5.87 16.64 18.19
C MET A 261 7.24 16.59 17.55
N THR A 262 7.41 17.45 16.53
CA THR A 262 8.70 17.47 15.88
C THR A 262 9.64 18.50 16.52
N PRO A 263 10.97 18.34 16.47
CA PRO A 263 11.69 17.18 15.91
C PRO A 263 11.41 15.90 16.69
N PHE A 264 11.27 14.81 15.98
CA PHE A 264 10.77 13.61 16.67
C PHE A 264 11.77 13.08 17.67
N TYR A 265 13.05 13.38 17.48
CA TYR A 265 14.07 12.83 18.39
C TYR A 265 14.49 13.84 19.44
N GLN A 266 13.71 14.90 19.71
CA GLN A 266 13.97 15.80 20.82
C GLN A 266 12.79 15.86 21.80
N ASN A 267 13.10 16.04 23.07
CA ASN A 267 12.16 16.57 24.04
C ASN A 267 12.83 17.74 24.79
N SER B 1 -19.73 -0.98 -36.12
CA SER B 1 -19.90 -2.26 -35.41
C SER B 1 -19.65 -2.07 -33.91
N SER B 2 -18.60 -2.65 -33.34
CA SER B 2 -18.26 -2.59 -31.92
C SER B 2 -18.32 -1.18 -31.38
N TYR B 3 -17.99 -0.97 -30.10
CA TYR B 3 -18.10 0.37 -29.55
C TYR B 3 -16.97 1.27 -30.05
N SER B 4 -17.32 2.49 -30.42
CA SER B 4 -16.37 3.56 -30.71
C SER B 4 -16.75 4.73 -29.82
N GLY B 5 -15.76 5.33 -29.16
CA GLY B 5 -16.04 6.49 -28.33
C GLY B 5 -15.15 6.40 -27.09
N PRO B 6 -15.35 7.32 -26.18
CA PRO B 6 -14.57 7.37 -24.95
C PRO B 6 -15.08 6.40 -23.91
N ILE B 7 -14.16 5.97 -23.06
CA ILE B 7 -14.56 5.32 -21.82
C ILE B 7 -13.76 6.00 -20.71
N VAL B 8 -14.42 6.30 -19.62
CA VAL B 8 -13.73 6.81 -18.46
C VAL B 8 -13.97 5.90 -17.27
N VAL B 9 -12.91 5.63 -16.53
CA VAL B 9 -13.03 4.82 -15.33
C VAL B 9 -12.45 5.67 -14.19
N ASP B 10 -13.39 6.19 -13.42
CA ASP B 10 -13.06 7.12 -12.35
C ASP B 10 -14.13 7.00 -11.28
N PRO B 11 -13.90 6.36 -10.14
CA PRO B 11 -12.60 5.85 -9.70
C PRO B 11 -12.20 4.51 -10.28
N VAL B 12 -10.90 4.31 -10.52
CA VAL B 12 -10.41 2.95 -10.68
C VAL B 12 -10.30 2.37 -9.28
N THR B 13 -11.12 1.41 -8.93
CA THR B 13 -11.07 0.78 -7.62
C THR B 13 -10.09 -0.37 -7.63
N ARG B 14 -9.91 -0.96 -6.43
CA ARG B 14 -8.98 -2.07 -6.22
C ARG B 14 -7.56 -1.72 -6.70
N ILE B 15 -7.21 -0.48 -6.32
CA ILE B 15 -5.86 0.04 -6.32
C ILE B 15 -5.69 0.82 -5.03
N GLU B 16 -4.45 1.24 -4.74
CA GLU B 16 -4.33 2.28 -3.76
C GLU B 16 -4.48 3.63 -4.50
N GLY B 17 -5.24 4.50 -3.82
CA GLY B 17 -5.25 5.88 -4.29
C GLY B 17 -6.27 6.21 -5.35
N HIS B 18 -6.19 7.44 -5.86
CA HIS B 18 -7.22 8.02 -6.72
C HIS B 18 -6.77 8.16 -8.15
N LEU B 19 -7.24 7.26 -8.99
CA LEU B 19 -6.86 7.18 -10.39
C LEU B 19 -8.08 7.32 -11.29
N ARG B 20 -7.92 8.11 -12.30
CA ARG B 20 -8.88 8.25 -13.39
C ARG B 20 -8.19 7.72 -14.63
N ILE B 21 -8.74 6.71 -15.29
CA ILE B 21 -8.23 6.26 -16.59
C ILE B 21 -9.19 6.74 -17.69
N GLU B 22 -8.67 7.37 -18.72
CA GLU B 22 -9.47 7.76 -19.87
C GLU B 22 -8.94 7.04 -21.10
N VAL B 23 -9.85 6.44 -21.87
CA VAL B 23 -9.36 5.85 -23.13
C VAL B 23 -10.29 6.28 -24.27
N GLU B 24 -9.75 6.22 -25.47
CA GLU B 24 -10.51 6.35 -26.70
C GLU B 24 -10.59 4.95 -27.30
N VAL B 25 -11.79 4.50 -27.65
CA VAL B 25 -11.84 3.19 -28.29
C VAL B 25 -12.44 3.36 -29.68
N GLU B 26 -11.90 2.54 -30.57
CA GLU B 26 -12.26 2.52 -31.98
C GLU B 26 -12.57 1.09 -32.39
N ASN B 27 -13.80 0.79 -32.79
CA ASN B 27 -14.15 -0.58 -33.19
C ASN B 27 -13.85 -1.61 -32.12
N GLY B 28 -14.13 -1.32 -30.86
CA GLY B 28 -13.96 -2.24 -29.75
C GLY B 28 -12.53 -2.40 -29.27
N LYS B 29 -11.56 -1.59 -29.74
CA LYS B 29 -10.22 -1.70 -29.20
C LYS B 29 -9.72 -0.30 -28.84
N VAL B 30 -9.01 -0.29 -27.70
CA VAL B 30 -8.44 0.99 -27.27
C VAL B 30 -7.38 1.49 -28.25
N LYS B 31 -7.50 2.75 -28.61
CA LYS B 31 -6.52 3.38 -29.52
C LYS B 31 -5.77 4.49 -28.80
N ASN B 32 -6.20 4.97 -27.64
CA ASN B 32 -5.52 6.06 -26.93
C ASN B 32 -5.87 5.98 -25.45
N ALA B 33 -4.98 6.44 -24.58
CA ALA B 33 -5.14 6.31 -23.13
C ALA B 33 -4.45 7.43 -22.40
N TYR B 34 -5.05 7.86 -21.29
CA TYR B 34 -4.50 8.85 -20.37
C TYR B 34 -4.59 8.33 -18.94
N SER B 35 -3.48 8.49 -18.22
CA SER B 35 -3.44 8.07 -16.82
C SER B 35 -3.47 9.33 -15.92
N SER B 36 -4.60 9.59 -15.30
CA SER B 36 -4.78 10.84 -14.54
C SER B 36 -4.85 10.58 -13.05
N SER B 37 -3.86 11.04 -12.30
CA SER B 37 -3.86 10.87 -10.85
C SER B 37 -4.52 12.07 -10.18
N THR B 38 -5.55 11.91 -9.32
CA THR B 38 -6.39 13.06 -9.02
C THR B 38 -6.35 13.48 -7.57
N LEU B 39 -5.35 13.07 -6.82
CA LEU B 39 -5.09 13.60 -5.50
C LEU B 39 -3.62 14.02 -5.42
N PHE B 40 -3.36 15.20 -4.87
CA PHE B 40 -2.06 15.69 -4.49
C PHE B 40 -2.04 15.97 -2.98
N ARG B 41 -0.94 15.62 -2.31
CA ARG B 41 -0.73 15.95 -0.92
C ARG B 41 0.45 16.88 -0.72
N GLY B 42 1.54 16.70 -1.43
CA GLY B 42 2.66 17.63 -1.35
C GLY B 42 3.63 17.36 -0.21
N LEU B 43 3.93 16.08 0.06
CA LEU B 43 4.84 15.75 1.15
C LEU B 43 6.21 16.37 0.91
N GLU B 44 6.69 16.52 -0.33
CA GLU B 44 7.99 17.15 -0.56
C GLU B 44 8.02 18.60 -0.15
N ILE B 45 6.89 19.28 -0.33
CA ILE B 45 6.82 20.69 0.12
C ILE B 45 6.87 20.74 1.64
N ILE B 46 6.12 19.84 2.28
CA ILE B 46 6.03 19.83 3.74
C ILE B 46 7.33 19.52 4.41
N LEU B 47 8.19 18.73 3.77
CA LEU B 47 9.46 18.36 4.37
C LEU B 47 10.47 19.49 4.41
N LYS B 48 10.33 20.51 3.55
CA LYS B 48 11.38 21.52 3.46
C LYS B 48 11.66 22.18 4.82
N GLY B 49 12.95 22.26 5.19
CA GLY B 49 13.33 23.01 6.40
C GLY B 49 13.33 22.13 7.64
N ARG B 50 12.87 20.89 7.56
CA ARG B 50 12.75 20.05 8.74
C ARG B 50 14.05 19.31 9.02
N ASP B 51 14.14 18.65 10.17
CA ASP B 51 15.26 17.80 10.57
C ASP B 51 15.30 16.57 9.67
N PRO B 52 16.41 16.27 9.01
CA PRO B 52 16.48 15.08 8.16
C PRO B 52 16.11 13.81 8.91
N ARG B 53 16.34 13.73 10.23
CA ARG B 53 15.92 12.53 10.93
C ARG B 53 14.41 12.32 10.92
N ASP B 54 13.66 13.40 10.69
CA ASP B 54 12.21 13.29 10.72
C ASP B 54 11.63 12.82 9.39
N ALA B 55 12.43 12.85 8.34
CA ALA B 55 11.89 12.61 7.01
C ALA B 55 11.20 11.24 6.91
N GLN B 56 11.81 10.18 7.45
CA GLN B 56 11.25 8.82 7.30
C GLN B 56 9.85 8.71 7.91
N HIS B 57 9.57 9.46 8.96
CA HIS B 57 8.26 9.37 9.62
C HIS B 57 7.21 10.02 8.73
N PHE B 58 7.54 11.15 8.11
CA PHE B 58 6.63 11.74 7.15
C PHE B 58 6.50 10.90 5.87
N THR B 59 7.67 10.52 5.30
CA THR B 59 7.53 9.85 4.01
C THR B 59 6.95 8.46 4.12
N GLN B 60 6.98 7.83 5.30
CA GLN B 60 6.31 6.53 5.39
C GLN B 60 4.82 6.71 5.10
N ARG B 61 4.32 7.88 5.46
CA ARG B 61 2.88 8.15 5.22
C ARG B 61 2.61 8.52 3.76
N THR B 62 3.59 8.40 2.89
CA THR B 62 3.31 8.39 1.44
C THR B 62 2.29 7.30 1.11
N CYS B 63 2.42 6.15 1.80
CA CYS B 63 1.60 5.01 1.48
C CYS B 63 1.62 3.94 2.58
N GLY B 64 0.42 3.47 2.95
CA GLY B 64 0.22 2.43 3.95
C GLY B 64 -0.02 1.06 3.37
N VAL B 65 -0.13 0.97 2.03
CA VAL B 65 -0.15 -0.33 1.36
C VAL B 65 1.28 -0.81 1.26
N CYS B 66 2.12 -0.04 0.57
CA CYS B 66 3.54 -0.27 0.62
C CYS B 66 4.14 0.43 1.83
N THR B 67 3.54 0.12 2.98
CA THR B 67 4.07 0.62 4.25
C THR B 67 5.50 0.11 4.40
N TYR B 68 6.24 0.72 5.31
CA TYR B 68 7.65 0.49 5.57
C TYR B 68 8.56 0.95 4.42
N THR B 69 8.20 0.70 3.18
CA THR B 69 9.15 0.93 2.10
C THR B 69 9.70 2.35 2.04
N HIS B 70 8.86 3.33 2.29
CA HIS B 70 9.36 4.69 2.28
C HIS B 70 10.16 5.03 3.52
N ALA B 71 9.82 4.48 4.67
CA ALA B 71 10.68 4.68 5.83
C ALA B 71 12.07 4.14 5.53
N LEU B 72 12.09 2.99 4.87
CA LEU B 72 13.37 2.34 4.52
C LEU B 72 14.12 3.19 3.50
N ALA B 73 13.41 3.69 2.48
CA ALA B 73 14.11 4.52 1.50
C ALA B 73 14.62 5.81 2.11
N SER B 74 13.83 6.47 2.96
CA SER B 74 14.37 7.73 3.56
C SER B 74 15.50 7.43 4.49
N THR B 75 15.39 6.32 5.26
CA THR B 75 16.51 6.02 6.16
C THR B 75 17.77 5.66 5.36
N ARG B 76 17.64 4.88 4.26
CA ARG B 76 18.80 4.62 3.43
C ARG B 76 19.32 5.93 2.90
N CYS B 77 18.42 6.86 2.55
CA CYS B 77 18.84 8.14 1.98
C CYS B 77 19.60 8.94 3.03
N VAL B 78 19.08 9.05 4.25
CA VAL B 78 19.84 9.87 5.24
C VAL B 78 21.07 9.12 5.72
N ASP B 79 21.02 7.80 5.87
CA ASP B 79 22.22 7.01 6.15
C ASP B 79 23.33 7.38 5.16
N ASN B 80 22.98 7.41 3.87
CA ASN B 80 23.90 7.70 2.76
C ASN B 80 24.44 9.12 2.89
N ALA B 81 23.52 10.08 3.18
CA ALA B 81 23.96 11.47 3.27
C ALA B 81 24.96 11.69 4.39
N VAL B 82 24.76 11.00 5.50
CA VAL B 82 25.58 11.11 6.70
C VAL B 82 26.84 10.28 6.62
N GLY B 83 26.84 9.36 5.66
CA GLY B 83 28.01 8.52 5.52
C GLY B 83 28.09 7.42 6.57
N VAL B 84 26.98 6.98 7.13
CA VAL B 84 27.07 5.89 8.11
C VAL B 84 26.89 4.55 7.39
N HIS B 85 27.65 3.59 7.90
CA HIS B 85 27.55 2.21 7.41
C HIS B 85 26.90 1.41 8.52
N ILE B 86 25.66 1.03 8.32
CA ILE B 86 24.95 0.47 9.46
C ILE B 86 25.49 -0.93 9.74
N PRO B 87 25.30 -1.42 10.95
CA PRO B 87 25.80 -2.76 11.31
C PRO B 87 25.12 -3.84 10.47
N LYS B 88 25.84 -4.97 10.33
CA LYS B 88 25.29 -6.13 9.61
C LYS B 88 23.88 -6.55 10.06
N ASN B 89 23.64 -6.54 11.38
CA ASN B 89 22.33 -6.94 11.88
C ASN B 89 21.23 -5.95 11.48
N ALA B 90 21.56 -4.64 11.37
CA ALA B 90 20.51 -3.72 10.95
C ALA B 90 20.14 -3.99 9.49
N THR B 91 21.20 -4.33 8.68
CA THR B 91 20.89 -4.70 7.28
C THR B 91 20.03 -5.95 7.26
N TYR B 92 20.39 -6.95 8.07
CA TYR B 92 19.56 -8.17 8.05
C TYR B 92 18.12 -7.87 8.50
N ILE B 93 17.97 -7.13 9.60
CA ILE B 93 16.60 -6.93 10.10
C ILE B 93 15.78 -6.09 9.13
N ARG B 94 16.39 -5.03 8.59
CA ARG B 94 15.69 -4.20 7.59
C ARG B 94 15.32 -5.05 6.38
N ASN B 95 16.25 -5.93 5.96
CA ASN B 95 15.95 -6.75 4.77
C ASN B 95 14.84 -7.75 5.06
N LEU B 96 14.83 -8.34 6.27
CA LEU B 96 13.80 -9.32 6.63
C LEU B 96 12.42 -8.68 6.71
N VAL B 97 12.34 -7.48 7.26
CA VAL B 97 11.03 -6.81 7.27
C VAL B 97 10.57 -6.50 5.86
N LEU B 98 11.52 -6.12 4.98
CA LEU B 98 11.13 -5.83 3.60
C LEU B 98 10.69 -7.09 2.87
N GLY B 99 11.40 -8.19 3.11
CA GLY B 99 10.92 -9.43 2.45
C GLY B 99 9.51 -9.77 2.91
N ALA B 100 9.23 -9.60 4.20
CA ALA B 100 7.89 -9.88 4.71
C ALA B 100 6.87 -8.95 4.08
N GLN B 101 7.25 -7.70 3.84
CA GLN B 101 6.35 -6.76 3.17
C GLN B 101 5.99 -7.25 1.79
N TYR B 102 6.98 -7.73 1.03
CA TYR B 102 6.66 -8.23 -0.32
C TYR B 102 5.62 -9.34 -0.25
N LEU B 103 5.76 -10.26 0.70
CA LEU B 103 4.85 -11.44 0.68
C LEU B 103 3.44 -10.95 1.04
N HIS B 104 3.31 -10.10 2.04
CA HIS B 104 1.98 -9.61 2.43
C HIS B 104 1.33 -8.89 1.25
N ASP B 105 2.12 -7.99 0.64
CA ASP B 105 1.64 -7.09 -0.41
C ASP B 105 1.19 -7.85 -1.64
N HIS B 106 2.06 -8.73 -2.12
CA HIS B 106 1.68 -9.45 -3.34
C HIS B 106 0.51 -10.39 -3.09
N ILE B 107 0.41 -11.04 -1.92
CA ILE B 107 -0.73 -11.93 -1.71
C ILE B 107 -2.02 -11.13 -1.74
N VAL B 108 -2.03 -10.00 -1.04
CA VAL B 108 -3.24 -9.16 -1.02
C VAL B 108 -3.53 -8.62 -2.41
N HIS B 109 -2.49 -8.26 -3.18
CA HIS B 109 -2.77 -7.76 -4.51
C HIS B 109 -3.45 -8.80 -5.37
N PHE B 110 -2.89 -10.02 -5.44
CA PHE B 110 -3.53 -10.98 -6.35
C PHE B 110 -4.97 -11.28 -5.94
N TYR B 111 -5.22 -11.57 -4.66
CA TYR B 111 -6.58 -11.96 -4.27
C TYR B 111 -7.51 -10.77 -4.15
N HIS B 112 -7.12 -9.77 -3.34
CA HIS B 112 -8.10 -8.78 -2.89
C HIS B 112 -8.17 -7.60 -3.84
N LEU B 113 -7.15 -7.37 -4.67
CA LEU B 113 -7.20 -6.28 -5.63
C LEU B 113 -7.37 -6.80 -7.04
N HIS B 114 -6.66 -7.84 -7.47
CA HIS B 114 -6.71 -8.22 -8.90
C HIS B 114 -7.79 -9.25 -9.24
N ALA B 115 -7.98 -10.24 -8.38
CA ALA B 115 -8.73 -11.43 -8.79
C ALA B 115 -10.18 -11.10 -9.14
N LEU B 116 -10.85 -10.07 -8.60
CA LEU B 116 -12.24 -9.81 -9.01
C LEU B 116 -12.34 -9.38 -10.46
N ASP B 117 -11.23 -9.11 -11.13
CA ASP B 117 -11.28 -8.89 -12.57
C ASP B 117 -11.41 -10.20 -13.36
N PHE B 118 -11.20 -11.36 -12.74
CA PHE B 118 -11.05 -12.64 -13.42
C PHE B 118 -11.97 -13.69 -12.80
N VAL B 119 -12.40 -13.46 -11.55
CA VAL B 119 -13.23 -14.39 -10.80
C VAL B 119 -14.65 -13.87 -10.66
N ASP B 120 -15.60 -14.71 -11.11
CA ASP B 120 -17.02 -14.39 -10.88
C ASP B 120 -17.39 -15.09 -9.59
N VAL B 121 -17.45 -14.35 -8.49
CA VAL B 121 -17.76 -14.91 -7.18
C VAL B 121 -19.15 -15.49 -7.14
N THR B 122 -20.12 -14.82 -7.80
CA THR B 122 -21.48 -15.38 -7.69
C THR B 122 -21.63 -16.68 -8.46
N ALA B 123 -20.84 -16.92 -9.53
CA ALA B 123 -20.93 -18.20 -10.20
C ALA B 123 -20.44 -19.35 -9.32
N ALA B 124 -19.66 -19.04 -8.30
CA ALA B 124 -19.20 -20.08 -7.39
C ALA B 124 -20.36 -20.80 -6.72
N LEU B 125 -21.49 -20.11 -6.63
CA LEU B 125 -22.65 -20.73 -6.05
C LEU B 125 -23.19 -21.90 -6.86
N LYS B 126 -22.91 -21.91 -8.16
CA LYS B 126 -23.48 -22.97 -9.00
C LYS B 126 -22.51 -24.12 -9.11
N ALA B 127 -21.36 -23.97 -8.43
CA ALA B 127 -20.36 -25.03 -8.61
C ALA B 127 -20.70 -26.33 -7.90
N ASP B 128 -20.12 -27.41 -8.40
CA ASP B 128 -20.12 -28.72 -7.74
C ASP B 128 -18.92 -28.76 -6.81
N PRO B 129 -19.12 -28.72 -5.51
CA PRO B 129 -17.95 -28.64 -4.63
C PRO B 129 -17.15 -29.93 -4.67
N ALA B 130 -17.73 -31.09 -4.98
CA ALA B 130 -16.88 -32.29 -5.08
C ALA B 130 -15.94 -32.16 -6.26
N LYS B 131 -16.46 -31.70 -7.41
CA LYS B 131 -15.62 -31.49 -8.60
C LYS B 131 -14.56 -30.44 -8.31
N ALA B 132 -15.01 -29.38 -7.64
CA ALA B 132 -14.06 -28.30 -7.34
C ALA B 132 -12.95 -28.82 -6.44
N ALA B 133 -13.25 -29.64 -5.44
CA ALA B 133 -12.22 -30.13 -4.53
C ALA B 133 -11.19 -30.99 -5.26
N LYS B 134 -11.64 -31.79 -6.19
CA LYS B 134 -10.71 -32.58 -6.98
C LYS B 134 -9.78 -31.69 -7.80
N VAL B 135 -10.34 -30.64 -8.42
CA VAL B 135 -9.47 -29.74 -9.16
C VAL B 135 -8.49 -29.09 -8.20
N ALA B 136 -8.94 -28.57 -7.06
CA ALA B 136 -8.02 -27.93 -6.13
C ALA B 136 -6.93 -28.85 -5.63
N SER B 137 -7.30 -30.11 -5.44
CA SER B 137 -6.27 -31.05 -4.96
C SER B 137 -5.28 -31.50 -6.03
N SER B 138 -5.66 -31.31 -7.31
CA SER B 138 -4.77 -31.66 -8.41
C SER B 138 -3.71 -30.59 -8.65
N ILE B 139 -3.97 -29.35 -8.22
CA ILE B 139 -3.04 -28.28 -8.55
C ILE B 139 -2.12 -27.94 -7.40
N SER B 140 -2.33 -28.54 -6.23
CA SER B 140 -1.57 -28.17 -5.05
C SER B 140 -1.29 -29.40 -4.23
N PRO B 141 -0.19 -29.44 -3.51
CA PRO B 141 -0.01 -30.60 -2.61
C PRO B 141 -0.99 -30.52 -1.46
N ARG B 142 -1.54 -29.36 -1.15
CA ARG B 142 -2.55 -29.28 -0.12
C ARG B 142 -3.85 -29.96 -0.57
N LYS B 143 -4.34 -30.93 0.19
CA LYS B 143 -5.61 -31.59 -0.01
C LYS B 143 -6.80 -30.75 0.46
N THR B 144 -7.76 -30.57 -0.43
CA THR B 144 -9.00 -29.87 -0.24
C THR B 144 -10.14 -30.86 -0.46
N THR B 145 -11.13 -30.92 0.43
CA THR B 145 -12.28 -31.82 0.21
C THR B 145 -13.56 -31.07 -0.16
N ALA B 146 -14.51 -31.87 -0.63
CA ALA B 146 -15.83 -31.35 -1.00
C ALA B 146 -16.44 -30.59 0.17
N ALA B 147 -16.32 -31.13 1.39
CA ALA B 147 -16.93 -30.43 2.50
C ALA B 147 -16.26 -29.09 2.74
N ASP B 148 -14.94 -29.00 2.56
CA ASP B 148 -14.18 -27.76 2.74
C ASP B 148 -14.81 -26.67 1.89
N LEU B 149 -15.05 -27.11 0.63
CA LEU B 149 -15.49 -26.05 -0.27
C LEU B 149 -16.99 -25.80 -0.16
N LYS B 150 -17.74 -26.81 0.27
CA LYS B 150 -19.16 -26.58 0.51
C LYS B 150 -19.34 -25.53 1.59
N ALA B 151 -18.48 -25.59 2.61
CA ALA B 151 -18.61 -24.59 3.69
C ALA B 151 -18.49 -23.19 3.12
N VAL B 152 -17.59 -23.00 2.18
CA VAL B 152 -17.45 -21.67 1.59
C VAL B 152 -18.69 -21.27 0.80
N GLN B 153 -19.14 -22.24 0.02
CA GLN B 153 -20.34 -22.05 -0.78
C GLN B 153 -21.56 -21.72 0.05
N ASP B 154 -21.74 -22.43 1.17
CA ASP B 154 -22.86 -22.19 2.06
C ASP B 154 -22.77 -20.79 2.64
N LYS B 155 -21.56 -20.40 3.03
CA LYS B 155 -21.42 -19.06 3.57
C LYS B 155 -21.75 -18.04 2.50
N LEU B 156 -21.26 -18.24 1.27
CA LEU B 156 -21.50 -17.22 0.21
C LEU B 156 -22.97 -17.18 -0.14
N LYS B 157 -23.59 -18.38 -0.10
CA LYS B 157 -24.99 -18.44 -0.42
C LYS B 157 -25.82 -17.59 0.53
N THR B 158 -25.59 -17.72 1.85
CA THR B 158 -26.33 -16.90 2.81
C THR B 158 -26.12 -15.40 2.61
N PHE B 159 -24.88 -15.04 2.32
CA PHE B 159 -24.50 -13.67 2.02
C PHE B 159 -25.26 -13.16 0.81
N VAL B 160 -25.21 -13.88 -0.32
CA VAL B 160 -25.85 -13.38 -1.53
C VAL B 160 -27.36 -13.34 -1.41
N GLU B 161 -27.97 -14.34 -0.74
CA GLU B 161 -29.42 -14.33 -0.63
C GLU B 161 -29.93 -13.27 0.32
N THR B 162 -29.03 -12.63 1.07
CA THR B 162 -29.57 -11.50 1.84
C THR B 162 -29.80 -10.29 0.95
N GLY B 163 -29.33 -10.29 -0.29
CA GLY B 163 -29.52 -9.13 -1.15
C GLY B 163 -28.51 -8.02 -0.91
N GLN B 164 -27.70 -8.12 0.14
CA GLN B 164 -26.69 -7.09 0.47
C GLN B 164 -25.34 -7.60 0.01
N LEU B 165 -25.04 -7.29 -1.27
CA LEU B 165 -23.85 -7.82 -1.93
C LEU B 165 -22.59 -7.06 -1.49
N GLY B 166 -22.73 -5.95 -0.80
CA GLY B 166 -21.53 -5.31 -0.21
C GLY B 166 -20.50 -5.01 -1.28
N PRO B 167 -19.29 -5.51 -1.06
CA PRO B 167 -18.20 -5.18 -2.00
C PRO B 167 -18.45 -5.79 -3.37
N PHE B 168 -19.43 -6.66 -3.55
CA PHE B 168 -19.69 -7.23 -4.88
C PHE B 168 -20.81 -6.47 -5.59
N THR B 169 -21.36 -5.42 -4.97
CA THR B 169 -22.42 -4.64 -5.61
C THR B 169 -22.01 -4.10 -6.97
N ASN B 170 -22.84 -4.32 -7.97
CA ASN B 170 -22.61 -3.82 -9.33
C ASN B 170 -21.32 -4.40 -9.92
N ALA B 171 -20.87 -5.55 -9.42
CA ALA B 171 -19.64 -6.10 -10.03
C ALA B 171 -19.81 -6.31 -11.54
N TYR B 172 -18.71 -6.16 -12.27
CA TYR B 172 -18.79 -6.30 -13.72
C TYR B 172 -19.19 -7.71 -14.14
N PHE B 173 -19.00 -8.71 -13.26
CA PHE B 173 -19.39 -10.10 -13.61
C PHE B 173 -20.84 -10.39 -13.28
N LEU B 174 -21.56 -9.54 -12.55
CA LEU B 174 -22.95 -9.88 -12.20
C LEU B 174 -23.82 -10.07 -13.43
N GLY B 175 -24.58 -11.17 -13.47
CA GLY B 175 -25.42 -11.40 -14.65
C GLY B 175 -24.64 -12.13 -15.70
N GLY B 176 -23.33 -12.26 -15.51
CA GLY B 176 -22.53 -12.86 -16.58
C GLY B 176 -21.86 -11.76 -17.40
N HIS B 177 -20.71 -12.07 -18.02
CA HIS B 177 -19.94 -11.08 -18.78
C HIS B 177 -19.07 -11.83 -19.77
N PRO B 178 -19.04 -11.45 -21.03
CA PRO B 178 -18.35 -12.26 -22.02
C PRO B 178 -16.85 -12.33 -21.77
N ALA B 179 -16.30 -11.41 -20.99
CA ALA B 179 -14.84 -11.51 -20.82
C ALA B 179 -14.46 -12.32 -19.57
N TYR B 180 -15.46 -12.85 -18.85
CA TYR B 180 -15.20 -13.72 -17.68
C TYR B 180 -15.31 -15.17 -18.12
N TYR B 181 -14.25 -15.95 -17.97
CA TYR B 181 -14.13 -17.24 -18.60
C TYR B 181 -14.21 -18.40 -17.63
N LEU B 182 -14.07 -18.19 -16.34
CA LEU B 182 -13.85 -19.35 -15.48
C LEU B 182 -15.11 -20.20 -15.32
N ASP B 183 -14.89 -21.52 -15.12
CA ASP B 183 -16.05 -22.38 -14.85
C ASP B 183 -16.44 -22.22 -13.38
N PRO B 184 -17.61 -22.67 -12.98
CA PRO B 184 -18.04 -22.43 -11.59
C PRO B 184 -17.10 -22.98 -10.55
N GLU B 185 -16.53 -24.15 -10.85
CA GLU B 185 -15.68 -24.80 -9.85
C GLU B 185 -14.40 -24.01 -9.64
N THR B 186 -13.78 -23.53 -10.71
CA THR B 186 -12.60 -22.69 -10.55
C THR B 186 -12.94 -21.38 -9.86
N ASN B 187 -14.10 -20.77 -10.12
CA ASN B 187 -14.57 -19.58 -9.41
C ASN B 187 -14.70 -19.90 -7.93
N LEU B 188 -15.19 -21.07 -7.57
CA LEU B 188 -15.32 -21.44 -6.16
C LEU B 188 -13.96 -21.66 -5.53
N ILE B 189 -13.03 -22.33 -6.18
CA ILE B 189 -11.69 -22.44 -5.58
C ILE B 189 -11.06 -21.09 -5.32
N ALA B 190 -11.13 -20.19 -6.30
CA ALA B 190 -10.52 -18.86 -6.14
C ALA B 190 -11.21 -18.06 -5.04
N THR B 191 -12.52 -18.20 -4.98
CA THR B 191 -13.28 -17.48 -3.95
C THR B 191 -12.94 -18.02 -2.57
N ALA B 192 -12.84 -19.33 -2.40
CA ALA B 192 -12.38 -19.90 -1.15
C ALA B 192 -11.03 -19.39 -0.73
N HIS B 193 -10.13 -19.30 -1.68
CA HIS B 193 -8.78 -18.83 -1.38
C HIS B 193 -8.73 -17.32 -1.16
N TYR B 194 -9.54 -16.52 -1.83
CA TYR B 194 -9.72 -15.10 -1.49
C TYR B 194 -10.06 -14.97 -0.02
N LEU B 195 -11.06 -15.74 0.41
CA LEU B 195 -11.49 -15.64 1.81
C LEU B 195 -10.37 -16.11 2.72
N GLU B 196 -9.72 -17.22 2.39
CA GLU B 196 -8.61 -17.71 3.20
C GLU B 196 -7.51 -16.67 3.35
N ALA B 197 -7.21 -16.01 2.24
CA ALA B 197 -6.16 -15.00 2.19
C ALA B 197 -6.49 -13.82 3.10
N LEU B 198 -7.78 -13.53 3.31
CA LEU B 198 -8.09 -12.43 4.24
C LEU B 198 -7.55 -12.73 5.63
N ARG B 199 -7.56 -13.98 6.09
CA ARG B 199 -6.96 -14.28 7.37
C ARG B 199 -5.46 -14.55 7.23
N LEU B 200 -4.99 -15.19 6.15
CA LEU B 200 -3.55 -15.42 6.10
C LEU B 200 -2.79 -14.10 6.10
N GLN B 201 -3.34 -13.05 5.47
CA GLN B 201 -2.52 -11.83 5.36
C GLN B 201 -2.33 -11.23 6.76
N VAL B 202 -3.22 -11.53 7.71
CA VAL B 202 -2.99 -11.05 9.07
C VAL B 202 -1.65 -11.54 9.61
N LYS B 203 -1.39 -12.83 9.37
CA LYS B 203 -0.11 -13.40 9.80
C LYS B 203 1.07 -12.85 9.02
N ALA B 204 0.89 -12.67 7.70
CA ALA B 204 2.00 -12.16 6.89
C ALA B 204 2.38 -10.76 7.37
N ALA B 205 1.37 -9.94 7.73
CA ALA B 205 1.68 -8.58 8.22
C ALA B 205 2.25 -8.63 9.63
N ARG B 206 1.76 -9.57 10.45
CA ARG B 206 2.24 -9.67 11.83
C ARG B 206 3.75 -9.91 11.78
N ALA B 207 4.22 -10.64 10.77
CA ALA B 207 5.65 -10.92 10.71
C ALA B 207 6.46 -9.64 10.71
N MET B 208 5.93 -8.58 10.04
CA MET B 208 6.62 -7.29 10.05
C MET B 208 6.64 -6.65 11.44
N ALA B 209 5.58 -6.86 12.21
CA ALA B 209 5.51 -6.23 13.52
C ALA B 209 6.37 -6.90 14.57
N VAL B 210 6.75 -8.16 14.33
CA VAL B 210 7.61 -8.85 15.30
C VAL B 210 8.89 -8.09 15.54
N PHE B 211 9.56 -7.67 14.46
CA PHE B 211 10.75 -6.82 14.57
C PHE B 211 10.41 -5.31 14.48
N GLY B 212 9.35 -4.97 13.76
CA GLY B 212 9.16 -3.61 13.31
C GLY B 212 8.09 -2.82 14.06
N ALA B 213 7.63 -3.32 15.18
CA ALA B 213 6.71 -2.70 16.13
C ALA B 213 5.24 -2.89 15.76
N LYS B 214 4.88 -2.63 14.49
CA LYS B 214 3.47 -2.61 14.13
C LYS B 214 3.35 -2.57 12.62
N ASN B 215 2.19 -3.03 12.15
CA ASN B 215 1.85 -2.90 10.73
C ASN B 215 0.37 -2.51 10.75
N PRO B 216 0.01 -1.48 10.00
CA PRO B 216 0.88 -0.63 9.16
C PRO B 216 1.74 0.39 9.91
N HIS B 217 2.76 0.86 9.18
CA HIS B 217 3.67 1.96 9.49
C HIS B 217 4.58 1.53 10.64
N THR B 218 5.63 0.85 10.20
CA THR B 218 6.59 0.29 11.18
C THR B 218 7.31 1.41 11.93
N GLN B 219 7.99 1.06 13.03
CA GLN B 219 8.65 2.09 13.85
C GLN B 219 9.82 1.43 14.53
N PHE B 220 10.85 1.06 13.73
CA PHE B 220 12.05 0.43 14.26
C PHE B 220 13.29 0.92 13.53
N THR B 221 13.18 1.78 12.55
CA THR B 221 14.38 2.25 11.83
C THR B 221 14.88 3.57 12.35
N VAL B 222 16.19 3.78 12.37
CA VAL B 222 16.77 5.06 12.73
C VAL B 222 17.96 5.26 11.82
N VAL B 223 18.41 6.50 11.66
CA VAL B 223 19.67 6.70 10.96
C VAL B 223 20.75 5.92 11.72
N GLY B 224 21.57 5.15 10.99
CA GLY B 224 22.56 4.32 11.65
C GLY B 224 22.16 2.88 11.95
N GLY B 225 20.88 2.48 11.84
CA GLY B 225 20.55 1.09 12.08
C GLY B 225 19.08 0.87 12.37
N VAL B 226 18.81 0.09 13.40
CA VAL B 226 17.47 -0.21 13.89
C VAL B 226 17.50 -0.10 15.42
N THR B 227 16.32 -0.09 16.03
CA THR B 227 16.20 0.13 17.48
C THR B 227 15.82 -1.10 18.28
N CYS B 228 15.43 -2.16 17.55
CA CYS B 228 14.72 -3.30 18.15
C CYS B 228 15.66 -4.35 18.70
N TYR B 229 16.22 -4.05 19.90
CA TYR B 229 17.07 -5.04 20.54
C TYR B 229 16.32 -6.35 20.78
N ASP B 230 15.00 -6.29 20.96
CA ASP B 230 14.28 -7.55 21.15
C ASP B 230 14.36 -8.46 19.93
N ALA B 231 14.69 -7.90 18.77
CA ALA B 231 14.75 -8.69 17.53
C ALA B 231 15.94 -9.65 17.53
N LEU B 232 16.84 -9.46 18.48
CA LEU B 232 17.97 -10.37 18.65
C LEU B 232 17.61 -11.65 19.40
N THR B 233 16.45 -11.61 20.06
CA THR B 233 16.21 -12.71 20.99
C THR B 233 15.77 -13.95 20.25
N PRO B 234 16.06 -15.13 20.74
CA PRO B 234 15.56 -16.34 20.04
C PRO B 234 14.03 -16.36 19.97
N GLN B 235 13.32 -15.83 20.97
CA GLN B 235 11.87 -15.84 20.98
C GLN B 235 11.27 -15.03 19.84
N ARG B 236 11.73 -13.78 19.66
CA ARG B 236 11.21 -12.99 18.52
C ARG B 236 11.60 -13.63 17.19
N ILE B 237 12.81 -14.16 17.09
CA ILE B 237 13.23 -14.79 15.81
C ILE B 237 12.35 -15.98 15.54
N ALA B 238 12.02 -16.77 16.55
CA ALA B 238 11.16 -17.95 16.39
C ALA B 238 9.78 -17.53 15.96
N GLU B 239 9.32 -16.40 16.51
CA GLU B 239 7.95 -15.94 16.19
C GLU B 239 7.86 -15.52 14.74
N PHE B 240 8.86 -14.74 14.30
CA PHE B 240 9.01 -14.35 12.89
C PHE B 240 9.07 -15.61 12.00
N GLU B 241 9.94 -16.54 12.37
CA GLU B 241 10.13 -17.71 11.51
C GLU B 241 8.84 -18.50 11.31
N ALA B 242 8.07 -18.66 12.42
CA ALA B 242 6.82 -19.39 12.28
C ALA B 242 5.82 -18.67 11.37
N LEU B 243 5.71 -17.34 11.45
CA LEU B 243 4.82 -16.62 10.56
C LEU B 243 5.32 -16.66 9.13
N TRP B 244 6.63 -16.50 8.94
CA TRP B 244 7.19 -16.61 7.60
C TRP B 244 6.89 -18.01 7.03
N LYS B 245 7.14 -19.08 7.79
CA LYS B 245 6.90 -20.42 7.22
C LYS B 245 5.46 -20.61 6.79
N GLU B 246 4.52 -20.15 7.60
CA GLU B 246 3.10 -20.29 7.23
C GLU B 246 2.77 -19.44 6.02
N THR B 247 3.39 -18.24 5.93
CA THR B 247 3.12 -17.34 4.79
C THR B 247 3.68 -17.99 3.53
N LYS B 248 4.89 -18.52 3.62
CA LYS B 248 5.52 -19.16 2.45
C LYS B 248 4.73 -20.37 1.95
N ALA B 249 4.17 -21.13 2.92
CA ALA B 249 3.38 -22.30 2.53
C ALA B 249 2.20 -21.80 1.74
N PHE B 250 1.59 -20.68 2.16
CA PHE B 250 0.41 -20.18 1.43
C PHE B 250 0.80 -19.74 0.04
N VAL B 251 1.95 -19.05 -0.05
CA VAL B 251 2.41 -18.65 -1.38
C VAL B 251 2.57 -19.89 -2.27
N ASP B 252 3.27 -20.91 -1.73
CA ASP B 252 3.67 -22.05 -2.55
C ASP B 252 2.50 -22.96 -2.89
N GLU B 253 1.57 -23.09 -1.94
CA GLU B 253 0.50 -24.07 -2.05
C GLU B 253 -0.85 -23.51 -2.47
N VAL B 254 -1.00 -22.19 -2.33
CA VAL B 254 -2.31 -21.59 -2.62
C VAL B 254 -2.16 -20.53 -3.69
N TYR B 255 -1.39 -19.48 -3.46
CA TYR B 255 -1.32 -18.39 -4.45
C TYR B 255 -0.74 -18.90 -5.75
N ILE B 256 0.46 -19.48 -5.77
CA ILE B 256 0.98 -19.75 -7.12
C ILE B 256 0.12 -20.75 -7.87
N PRO B 257 -0.34 -21.84 -7.28
CA PRO B 257 -1.23 -22.71 -8.09
C PRO B 257 -2.47 -22.00 -8.59
N ASP B 258 -3.09 -21.11 -7.83
CA ASP B 258 -4.25 -20.35 -8.34
C ASP B 258 -3.86 -19.44 -9.49
N LEU B 259 -2.73 -18.77 -9.34
CA LEU B 259 -2.25 -17.85 -10.39
C LEU B 259 -2.11 -18.66 -11.69
N LEU B 260 -1.54 -19.88 -11.61
CA LEU B 260 -1.32 -20.69 -12.80
C LEU B 260 -2.64 -21.19 -13.39
N VAL B 261 -3.61 -21.57 -12.53
CA VAL B 261 -4.88 -22.07 -13.08
C VAL B 261 -5.60 -20.88 -13.72
N VAL B 262 -5.56 -19.70 -13.11
CA VAL B 262 -6.21 -18.54 -13.76
C VAL B 262 -5.49 -18.13 -15.04
N ALA B 263 -4.15 -18.10 -15.04
CA ALA B 263 -3.44 -17.69 -16.26
C ALA B 263 -3.70 -18.67 -17.40
N ALA B 264 -3.79 -19.98 -17.07
CA ALA B 264 -4.07 -20.94 -18.11
C ALA B 264 -5.41 -20.69 -18.77
N ALA B 265 -6.37 -20.27 -17.93
CA ALA B 265 -7.71 -20.03 -18.47
C ALA B 265 -7.80 -18.75 -19.32
N TYR B 266 -6.86 -17.85 -19.07
CA TYR B 266 -6.87 -16.52 -19.71
C TYR B 266 -5.65 -16.35 -20.58
N LYS B 267 -5.25 -17.42 -21.28
CA LYS B 267 -4.02 -17.28 -22.05
C LYS B 267 -4.06 -16.28 -23.19
N ASP B 268 -5.26 -15.82 -23.58
CA ASP B 268 -5.36 -14.76 -24.58
C ASP B 268 -4.75 -13.47 -24.02
N TRP B 269 -4.67 -13.37 -22.70
CA TRP B 269 -4.09 -12.18 -22.06
C TRP B 269 -2.58 -12.09 -22.19
N THR B 270 -1.96 -13.03 -22.90
CA THR B 270 -0.56 -12.87 -23.29
C THR B 270 -0.42 -11.88 -24.44
N GLN B 271 -1.55 -11.45 -25.02
CA GLN B 271 -1.54 -10.65 -26.25
C GLN B 271 -1.78 -9.18 -25.97
N TYR B 272 -2.09 -8.80 -24.74
CA TYR B 272 -2.34 -7.40 -24.41
C TYR B 272 -1.43 -6.95 -23.28
N GLY B 273 -1.18 -5.64 -23.29
CA GLY B 273 -0.60 -5.03 -22.09
C GLY B 273 0.92 -5.06 -22.08
N GLY B 274 1.61 -5.25 -23.20
CA GLY B 274 3.05 -5.27 -23.20
C GLY B 274 3.64 -3.87 -23.15
N THR B 275 4.92 -3.80 -22.80
CA THR B 275 5.69 -2.57 -22.70
C THR B 275 7.10 -2.81 -23.26
N ASP B 276 7.84 -1.74 -23.47
CA ASP B 276 9.13 -1.82 -24.14
C ASP B 276 10.35 -1.78 -23.23
N ASN B 277 10.33 -0.94 -22.21
CA ASN B 277 11.53 -0.62 -21.44
C ASN B 277 11.30 -0.88 -19.95
N PHE B 278 12.40 -1.28 -19.28
CA PHE B 278 12.38 -1.79 -17.92
C PHE B 278 13.50 -1.22 -17.05
N ILE B 279 13.15 -0.83 -15.82
CA ILE B 279 14.17 -0.38 -14.89
C ILE B 279 13.92 -1.02 -13.53
N THR B 280 15.03 -1.36 -12.86
CA THR B 280 14.96 -1.97 -11.54
C THR B 280 16.19 -1.59 -10.75
N PHE B 281 16.07 -1.47 -9.44
CA PHE B 281 17.18 -0.94 -8.62
C PHE B 281 17.89 -2.00 -7.84
N GLY B 282 17.40 -3.25 -7.79
CA GLY B 282 18.00 -4.30 -6.99
C GLY B 282 17.50 -4.21 -5.56
N GLU B 283 17.56 -5.32 -4.79
CA GLU B 283 17.11 -5.25 -3.42
C GLU B 283 17.75 -6.37 -2.59
N PHE B 284 17.83 -6.14 -1.31
CA PHE B 284 18.33 -7.05 -0.27
C PHE B 284 19.87 -7.03 -0.30
N PRO B 285 20.45 -5.90 0.10
CA PRO B 285 21.90 -5.75 0.05
C PRO B 285 22.66 -6.52 1.12
N LYS B 286 23.90 -6.82 0.70
CA LYS B 286 24.92 -7.23 1.65
C LYS B 286 25.72 -5.98 2.06
N ASP B 287 25.82 -5.04 1.13
CA ASP B 287 26.54 -3.78 1.33
C ASP B 287 25.61 -2.63 0.98
N GLU B 288 25.29 -1.77 1.95
CA GLU B 288 24.34 -0.67 1.77
C GLU B 288 24.81 0.33 0.72
N TYR B 289 26.08 0.30 0.35
CA TYR B 289 26.62 1.29 -0.58
C TYR B 289 26.93 0.68 -1.93
N ASP B 290 26.55 -0.56 -2.19
CA ASP B 290 26.81 -1.19 -3.47
C ASP B 290 25.55 -1.91 -3.93
N LEU B 291 24.86 -1.32 -4.90
CA LEU B 291 23.63 -1.96 -5.39
C LEU B 291 23.92 -3.34 -5.96
N ASN B 292 25.15 -3.58 -6.44
CA ASN B 292 25.41 -4.85 -7.12
C ASN B 292 25.66 -5.93 -6.08
N SER B 293 25.61 -5.58 -4.80
CA SER B 293 25.71 -6.54 -3.73
C SER B 293 24.34 -7.07 -3.36
N ARG B 294 23.30 -6.62 -4.03
CA ARG B 294 21.93 -7.02 -3.69
C ARG B 294 21.56 -8.36 -4.31
N PHE B 295 20.65 -9.09 -3.67
CA PHE B 295 20.25 -10.42 -4.16
C PHE B 295 19.61 -10.32 -5.52
N PHE B 296 18.81 -9.29 -5.72
CA PHE B 296 18.40 -8.89 -7.06
C PHE B 296 19.25 -7.67 -7.41
N LYS B 297 19.81 -7.64 -8.61
CA LYS B 297 20.71 -6.59 -9.05
C LYS B 297 19.98 -5.51 -9.86
N PRO B 298 20.47 -4.28 -9.84
CA PRO B 298 19.83 -3.23 -10.66
C PRO B 298 20.06 -3.46 -12.14
N GLY B 299 19.32 -2.79 -13.02
CA GLY B 299 19.65 -2.82 -14.44
C GLY B 299 18.59 -2.02 -15.21
N VAL B 300 18.91 -1.79 -16.46
CA VAL B 300 18.04 -1.03 -17.35
C VAL B 300 17.95 -1.77 -18.69
N VAL B 301 16.76 -1.89 -19.25
CA VAL B 301 16.61 -2.52 -20.55
C VAL B 301 15.73 -1.66 -21.43
N PHE B 302 16.21 -1.45 -22.65
CA PHE B 302 15.44 -0.70 -23.63
C PHE B 302 14.91 -1.64 -24.72
N LYS B 303 13.66 -1.43 -25.11
CA LYS B 303 13.11 -2.13 -26.27
C LYS B 303 13.31 -3.64 -26.15
N ARG B 304 13.12 -4.17 -24.96
CA ARG B 304 13.14 -5.61 -24.65
C ARG B 304 14.45 -6.25 -25.04
N ASP B 305 15.52 -5.47 -25.11
CA ASP B 305 16.82 -6.04 -25.48
C ASP B 305 17.52 -6.59 -24.26
N PHE B 306 17.13 -7.78 -23.79
CA PHE B 306 17.68 -8.29 -22.52
C PHE B 306 19.04 -8.92 -22.68
N LYS B 307 19.53 -9.02 -23.92
CA LYS B 307 20.92 -9.44 -24.11
C LYS B 307 21.85 -8.27 -23.84
N ASN B 308 21.36 -7.04 -23.77
CA ASN B 308 22.18 -5.85 -23.54
C ASN B 308 21.64 -5.04 -22.37
N ILE B 309 21.74 -5.65 -21.17
CA ILE B 309 21.32 -4.93 -19.98
C ILE B 309 22.36 -3.83 -19.74
N LYS B 310 21.81 -2.65 -19.48
CA LYS B 310 22.64 -1.46 -19.27
C LYS B 310 22.76 -1.21 -17.76
N PRO B 311 23.89 -0.69 -17.37
CA PRO B 311 24.04 -0.36 -15.96
C PRO B 311 23.04 0.73 -15.63
N PHE B 312 22.61 0.77 -14.38
CA PHE B 312 21.74 1.84 -13.93
C PHE B 312 22.55 3.07 -13.54
N ASP B 313 22.39 4.19 -14.19
CA ASP B 313 23.06 5.47 -13.88
C ASP B 313 22.06 6.40 -13.25
N LYS B 314 22.19 6.68 -11.97
CA LYS B 314 21.17 7.41 -11.24
C LYS B 314 21.08 8.86 -11.71
N MET B 315 22.09 9.33 -12.43
CA MET B 315 22.07 10.70 -12.94
C MET B 315 21.24 10.82 -14.22
N GLN B 316 20.76 9.71 -14.78
CA GLN B 316 20.01 9.81 -16.05
C GLN B 316 18.50 9.83 -15.80
N ILE B 317 18.06 9.99 -14.56
CA ILE B 317 16.65 10.16 -14.22
C ILE B 317 16.28 11.63 -14.25
N GLU B 318 15.23 11.94 -15.02
CA GLU B 318 14.64 13.28 -14.91
C GLU B 318 13.11 13.16 -14.80
N GLU B 319 12.48 14.01 -14.03
CA GLU B 319 11.02 14.01 -13.85
C GLU B 319 10.40 15.21 -14.60
N HIS B 320 9.56 14.82 -15.56
CA HIS B 320 8.88 15.77 -16.41
C HIS B 320 7.62 16.31 -15.77
N VAL B 321 7.29 17.56 -16.13
CA VAL B 321 6.06 18.18 -15.70
C VAL B 321 5.22 18.76 -16.85
N ARG B 322 5.67 18.69 -18.11
CA ARG B 322 4.88 19.31 -19.20
C ARG B 322 3.43 18.83 -19.23
N HIS B 323 3.13 17.57 -18.92
CA HIS B 323 1.74 17.13 -18.97
C HIS B 323 1.18 16.88 -17.58
N SER B 324 1.81 17.51 -16.57
CA SER B 324 1.42 17.37 -15.19
C SER B 324 0.99 18.73 -14.62
N TRP B 325 0.30 18.70 -13.50
CA TRP B 325 -0.19 19.97 -12.90
C TRP B 325 0.85 20.63 -12.01
N TYR B 326 1.97 20.99 -12.67
CA TYR B 326 3.02 21.71 -12.01
C TYR B 326 3.44 22.88 -12.90
N GLU B 327 4.17 23.84 -12.30
CA GLU B 327 4.59 24.97 -13.09
C GLU B 327 5.51 24.65 -14.25
N GLY B 328 5.24 25.17 -15.47
CA GLY B 328 6.27 25.13 -16.49
C GLY B 328 6.31 23.76 -17.16
N ALA B 329 7.49 23.52 -17.75
CA ALA B 329 7.67 22.34 -18.60
C ALA B 329 9.04 21.73 -18.42
N GLU B 330 9.80 22.20 -17.42
CA GLU B 330 11.19 21.72 -17.33
C GLU B 330 11.35 20.43 -16.52
N ALA B 331 11.91 19.38 -17.17
CA ALA B 331 12.24 18.17 -16.42
C ALA B 331 13.42 18.43 -15.48
N ARG B 332 13.44 17.71 -14.35
CA ARG B 332 14.49 17.93 -13.38
C ARG B 332 15.01 16.60 -12.85
N HIS B 333 16.33 16.50 -12.70
CA HIS B 333 16.94 15.44 -11.88
C HIS B 333 16.52 15.64 -10.44
N PRO B 334 16.18 14.61 -9.67
CA PRO B 334 15.62 14.84 -8.34
C PRO B 334 16.56 15.56 -7.37
N TRP B 335 17.90 15.58 -7.59
CA TRP B 335 18.68 16.42 -6.67
C TRP B 335 18.54 17.91 -7.00
N LYS B 336 17.85 18.23 -8.08
CA LYS B 336 17.45 19.60 -8.46
C LYS B 336 15.93 19.64 -8.66
N GLY B 337 15.19 18.80 -7.91
CA GLY B 337 13.77 18.67 -8.11
C GLY B 337 12.99 19.90 -7.70
N GLN B 338 11.79 19.98 -8.29
CA GLN B 338 10.89 21.07 -7.97
C GLN B 338 9.48 20.54 -7.83
N THR B 339 8.76 21.00 -6.83
CA THR B 339 7.37 20.56 -6.68
C THR B 339 6.51 21.80 -6.48
N GLN B 340 6.01 22.33 -7.60
CA GLN B 340 5.35 23.63 -7.65
C GLN B 340 3.98 23.44 -8.29
N PRO B 341 2.97 23.07 -7.50
CA PRO B 341 1.69 22.69 -8.09
C PRO B 341 1.05 23.83 -8.84
N LYS B 342 0.34 23.51 -9.93
CA LYS B 342 -0.36 24.51 -10.73
C LYS B 342 -1.41 23.71 -11.49
N TYR B 343 -2.63 23.74 -11.02
CA TYR B 343 -3.74 22.97 -11.56
C TYR B 343 -4.38 23.63 -12.76
N THR B 344 -4.64 22.86 -13.82
CA THR B 344 -5.27 23.44 -14.99
C THR B 344 -6.51 22.66 -15.38
N ASP B 345 -6.94 21.71 -14.53
CA ASP B 345 -8.07 20.85 -14.81
C ASP B 345 -7.71 19.87 -15.92
N LEU B 346 -8.66 18.95 -16.20
CA LEU B 346 -8.36 17.82 -17.08
C LEU B 346 -8.07 18.28 -18.51
N HIS B 347 -6.81 18.05 -18.91
CA HIS B 347 -6.31 18.38 -20.25
C HIS B 347 -6.21 19.88 -20.45
N GLY B 348 -6.28 20.67 -19.39
CA GLY B 348 -6.05 22.11 -19.58
C GLY B 348 -4.58 22.30 -19.89
N ASP B 349 -4.28 23.00 -20.98
CA ASP B 349 -2.91 23.12 -21.44
C ASP B 349 -2.23 21.77 -21.57
N ASP B 350 -2.99 20.74 -21.95
CA ASP B 350 -2.44 19.41 -22.19
C ASP B 350 -1.89 18.78 -20.92
N ARG B 351 -2.38 19.15 -19.74
CA ARG B 351 -1.95 18.57 -18.49
C ARG B 351 -3.08 17.75 -17.86
N TYR B 352 -2.80 16.58 -17.29
CA TYR B 352 -3.94 15.76 -16.85
C TYR B 352 -3.60 14.91 -15.65
N SER B 353 -2.55 15.19 -14.90
CA SER B 353 -2.23 14.35 -13.73
C SER B 353 -1.40 15.08 -12.67
N TRP B 354 -1.56 14.68 -11.41
CA TRP B 354 -0.68 15.17 -10.35
C TRP B 354 0.62 14.37 -10.30
N MET B 355 0.78 13.27 -11.06
CA MET B 355 2.09 12.64 -11.08
C MET B 355 3.02 13.38 -12.04
N LYS B 356 4.30 13.47 -11.65
CA LYS B 356 5.37 13.83 -12.60
C LYS B 356 5.60 12.62 -13.50
N ALA B 357 6.39 12.81 -14.57
CA ALA B 357 6.63 11.75 -15.55
C ALA B 357 8.12 11.45 -15.58
N PRO B 358 8.58 10.49 -14.79
CA PRO B 358 10.02 10.19 -14.77
C PRO B 358 10.42 9.54 -16.08
N ARG B 359 11.59 9.90 -16.57
CA ARG B 359 12.11 9.30 -17.78
C ARG B 359 13.56 8.96 -17.55
N TYR B 360 14.02 7.88 -18.14
CA TYR B 360 15.41 7.42 -17.96
C TYR B 360 16.09 7.57 -19.32
N MET B 361 17.10 8.41 -19.47
CA MET B 361 17.68 8.69 -20.77
C MET B 361 16.56 9.06 -21.75
N GLY B 362 15.56 9.78 -21.24
CA GLY B 362 14.41 10.26 -22.00
C GLY B 362 13.35 9.21 -22.27
N GLU B 363 13.47 7.97 -21.79
CA GLU B 363 12.50 6.94 -22.15
C GLU B 363 11.60 6.57 -20.98
N PRO B 364 10.37 6.19 -21.32
CA PRO B 364 9.40 5.71 -20.30
C PRO B 364 9.72 4.30 -19.88
N MET B 365 9.79 4.00 -18.58
CA MET B 365 10.25 2.70 -18.12
C MET B 365 9.21 2.06 -17.21
N GLU B 366 8.86 0.83 -17.54
CA GLU B 366 8.11 -0.01 -16.60
C GLU B 366 9.05 -0.39 -15.46
N THR B 367 8.50 -0.33 -14.24
CA THR B 367 9.23 -0.92 -13.09
C THR B 367 8.26 -1.81 -12.31
N GLY B 368 8.80 -2.61 -11.40
CA GLY B 368 7.91 -3.53 -10.67
C GLY B 368 8.32 -4.95 -10.89
N PRO B 369 7.48 -5.89 -10.49
CA PRO B 369 7.87 -7.32 -10.54
C PRO B 369 8.29 -7.78 -11.92
N LEU B 370 7.65 -7.31 -12.99
CA LEU B 370 8.10 -7.82 -14.32
C LEU B 370 9.49 -7.28 -14.62
N ALA B 371 9.82 -6.05 -14.29
CA ALA B 371 11.20 -5.55 -14.54
C ALA B 371 12.19 -6.29 -13.67
N GLN B 372 11.84 -6.51 -12.37
CA GLN B 372 12.79 -7.17 -11.47
C GLN B 372 13.06 -8.60 -11.91
N VAL B 373 11.96 -9.30 -12.25
CA VAL B 373 12.10 -10.71 -12.67
C VAL B 373 12.84 -10.85 -14.00
N LEU B 374 12.46 -10.07 -15.01
CA LEU B 374 13.08 -10.26 -16.32
C LEU B 374 14.54 -9.85 -16.29
N ILE B 375 14.85 -8.80 -15.55
CA ILE B 375 16.27 -8.35 -15.52
C ILE B 375 17.09 -9.33 -14.71
N ALA B 376 16.59 -9.81 -13.57
CA ALA B 376 17.31 -10.83 -12.81
C ALA B 376 17.48 -12.09 -13.66
N TYR B 377 16.44 -12.53 -14.35
CA TYR B 377 16.55 -13.72 -15.19
C TYR B 377 17.72 -13.51 -16.15
N SER B 378 17.78 -12.35 -16.78
CA SER B 378 18.79 -12.09 -17.80
C SER B 378 20.21 -11.87 -17.28
N GLN B 379 20.30 -11.62 -15.99
CA GLN B 379 21.58 -11.60 -15.29
C GLN B 379 21.99 -12.98 -14.81
N GLY B 380 21.17 -14.02 -15.07
CA GLY B 380 21.55 -15.40 -14.72
C GLY B 380 21.19 -15.73 -13.29
N HIS B 381 20.27 -14.99 -12.67
CA HIS B 381 19.87 -15.29 -11.28
C HIS B 381 19.32 -16.69 -11.22
N PRO B 382 19.94 -17.62 -10.50
CA PRO B 382 19.50 -19.00 -10.62
C PRO B 382 18.12 -19.25 -10.03
N LYS B 383 17.73 -18.54 -8.94
CA LYS B 383 16.42 -18.88 -8.38
C LYS B 383 15.29 -18.33 -9.24
N VAL B 384 15.52 -17.09 -9.71
CA VAL B 384 14.54 -16.49 -10.65
C VAL B 384 14.44 -17.34 -11.92
N LYS B 385 15.57 -17.79 -12.45
CA LYS B 385 15.46 -18.59 -13.69
C LYS B 385 14.71 -19.89 -13.40
N ALA B 386 15.01 -20.53 -12.27
CA ALA B 386 14.38 -21.82 -12.02
C ALA B 386 12.88 -21.62 -11.89
N VAL B 387 12.43 -20.56 -11.16
CA VAL B 387 10.96 -20.66 -11.10
C VAL B 387 10.35 -19.99 -12.33
N THR B 388 10.97 -19.04 -13.02
CA THR B 388 10.21 -18.57 -14.20
C THR B 388 10.15 -19.67 -15.24
N ASP B 389 11.21 -20.46 -15.40
CA ASP B 389 11.17 -21.56 -16.37
C ASP B 389 10.06 -22.54 -16.00
N ALA B 390 9.89 -22.81 -14.70
CA ALA B 390 8.85 -23.81 -14.32
C ALA B 390 7.47 -23.27 -14.63
N VAL B 391 7.27 -21.98 -14.38
CA VAL B 391 6.01 -21.32 -14.70
C VAL B 391 5.72 -21.31 -16.20
N LEU B 392 6.71 -20.96 -17.02
CA LEU B 392 6.58 -20.97 -18.49
C LEU B 392 6.24 -22.38 -18.92
N ALA B 393 6.93 -23.39 -18.36
CA ALA B 393 6.61 -24.76 -18.77
C ALA B 393 5.22 -25.19 -18.35
N LYS B 394 4.80 -24.79 -17.16
CA LYS B 394 3.48 -25.22 -16.74
C LYS B 394 2.41 -24.66 -17.66
N LEU B 395 2.58 -23.40 -18.03
CA LEU B 395 1.59 -22.69 -18.86
C LEU B 395 1.64 -23.07 -20.33
N GLY B 396 2.74 -23.72 -20.74
CA GLY B 396 2.96 -24.14 -22.13
C GLY B 396 3.22 -22.91 -23.01
N VAL B 397 3.86 -21.85 -22.52
CA VAL B 397 4.14 -20.70 -23.36
C VAL B 397 5.63 -20.40 -23.42
N GLY B 398 6.04 -19.60 -24.40
CA GLY B 398 7.41 -19.17 -24.59
C GLY B 398 7.69 -17.90 -23.81
N PRO B 399 8.95 -17.46 -23.71
CA PRO B 399 9.26 -16.30 -22.87
C PRO B 399 8.60 -15.03 -23.39
N GLU B 400 8.28 -14.92 -24.66
CA GLU B 400 7.63 -13.76 -25.24
C GLU B 400 6.30 -13.52 -24.54
N ALA B 401 5.71 -14.56 -23.97
CA ALA B 401 4.45 -14.42 -23.28
C ALA B 401 4.58 -13.49 -22.09
N LEU B 402 5.79 -13.30 -21.60
CA LEU B 402 5.94 -12.48 -20.40
C LEU B 402 5.72 -11.00 -20.69
N PHE B 403 5.75 -10.57 -21.93
CA PHE B 403 5.63 -9.13 -22.22
C PHE B 403 4.14 -8.80 -22.39
N SER B 404 3.39 -8.90 -21.30
CA SER B 404 1.92 -8.81 -21.41
C SER B 404 1.31 -8.62 -20.04
N THR B 405 0.04 -8.31 -20.02
CA THR B 405 -0.69 -8.25 -18.73
C THR B 405 -0.63 -9.58 -18.00
N LEU B 406 -0.79 -10.70 -18.74
CA LEU B 406 -0.69 -12.00 -18.08
C LEU B 406 0.73 -12.19 -17.54
N GLY B 407 1.75 -11.83 -18.35
CA GLY B 407 3.11 -12.09 -17.93
C GLY B 407 3.50 -11.28 -16.68
N ARG B 408 2.97 -10.05 -16.62
CA ARG B 408 3.25 -9.16 -15.47
C ARG B 408 2.64 -9.75 -14.22
N THR B 409 1.41 -10.26 -14.37
CA THR B 409 0.74 -10.89 -13.25
C THR B 409 1.50 -12.13 -12.79
N ALA B 410 1.99 -12.90 -13.75
CA ALA B 410 2.78 -14.08 -13.39
C ALA B 410 4.08 -13.70 -12.75
N ALA B 411 4.76 -12.65 -13.22
CA ALA B 411 6.02 -12.20 -12.64
C ALA B 411 5.82 -11.79 -11.19
N ARG B 412 4.66 -11.18 -10.88
CA ARG B 412 4.39 -10.85 -9.45
C ARG B 412 4.40 -12.12 -8.62
N GLY B 413 3.80 -13.21 -9.12
CA GLY B 413 3.87 -14.48 -8.37
C GLY B 413 5.28 -15.03 -8.31
N ILE B 414 6.03 -15.02 -9.42
CA ILE B 414 7.40 -15.55 -9.44
C ILE B 414 8.22 -14.85 -8.38
N GLU B 415 8.15 -13.52 -8.33
CA GLU B 415 9.02 -12.87 -7.34
C GLU B 415 8.53 -13.15 -5.93
N THR B 416 7.23 -13.34 -5.74
CA THR B 416 6.77 -13.71 -4.39
C THR B 416 7.42 -15.02 -3.97
N ALA B 417 7.39 -16.01 -4.87
CA ALA B 417 7.90 -17.33 -4.54
C ALA B 417 9.40 -17.25 -4.26
N VAL B 418 10.09 -16.51 -5.10
CA VAL B 418 11.55 -16.41 -4.94
C VAL B 418 11.87 -15.67 -3.66
N ILE B 419 11.20 -14.56 -3.36
CA ILE B 419 11.49 -13.85 -2.10
C ILE B 419 11.07 -14.67 -0.90
N ALA B 420 9.96 -15.40 -0.98
CA ALA B 420 9.56 -16.20 0.19
C ALA B 420 10.67 -17.20 0.52
N GLU B 421 11.31 -17.83 -0.48
CA GLU B 421 12.43 -18.74 -0.15
C GLU B 421 13.62 -17.95 0.37
N TYR B 422 13.93 -16.80 -0.26
CA TYR B 422 15.15 -16.06 0.16
C TYR B 422 15.04 -15.50 1.56
N VAL B 423 13.84 -15.17 2.04
CA VAL B 423 13.69 -14.75 3.43
C VAL B 423 14.28 -15.83 4.35
N GLY B 424 14.15 -17.11 4.09
CA GLY B 424 14.70 -18.15 4.94
C GLY B 424 16.22 -18.13 4.92
N VAL B 425 16.79 -17.85 3.74
CA VAL B 425 18.26 -17.70 3.68
C VAL B 425 18.73 -16.52 4.51
N MET B 426 18.08 -15.37 4.33
CA MET B 426 18.40 -14.19 5.12
C MET B 426 18.28 -14.48 6.61
N LEU B 427 17.21 -15.20 7.00
CA LEU B 427 17.01 -15.49 8.42
C LEU B 427 18.14 -16.33 8.99
N GLN B 428 18.54 -17.33 8.19
CA GLN B 428 19.64 -18.15 8.65
C GLN B 428 20.93 -17.34 8.76
N GLU B 429 21.17 -16.43 7.80
CA GLU B 429 22.43 -15.70 7.92
C GLU B 429 22.44 -14.80 9.16
N TYR B 430 21.24 -14.27 9.45
CA TYR B 430 21.05 -13.39 10.61
C TYR B 430 21.32 -14.22 11.85
N LYS B 431 20.67 -15.35 11.94
CA LYS B 431 20.94 -16.25 13.08
C LYS B 431 22.42 -16.55 13.19
N ASP B 432 23.07 -16.83 12.07
CA ASP B 432 24.48 -17.19 12.14
C ASP B 432 25.31 -16.05 12.69
N ASN B 433 24.92 -14.84 12.29
CA ASN B 433 25.72 -13.69 12.65
C ASN B 433 25.57 -13.46 14.15
N ILE B 434 24.37 -13.58 14.68
CA ILE B 434 24.18 -13.43 16.13
C ILE B 434 25.03 -14.45 16.86
N ALA B 435 25.07 -15.66 16.28
CA ALA B 435 25.76 -16.78 16.95
C ALA B 435 27.26 -16.53 17.02
N LYS B 436 27.79 -15.70 16.11
CA LYS B 436 29.20 -15.35 16.19
C LYS B 436 29.47 -14.32 17.30
N GLY B 437 28.42 -13.83 17.95
CA GLY B 437 28.59 -12.87 19.04
C GLY B 437 28.40 -11.44 18.56
N ASP B 438 27.89 -11.20 17.36
CA ASP B 438 27.58 -9.83 16.90
C ASP B 438 26.19 -9.44 17.34
N ASN B 439 26.08 -8.60 18.36
CA ASN B 439 24.78 -8.18 18.85
C ASN B 439 24.54 -6.69 18.61
N VAL B 440 25.30 -6.10 17.68
CA VAL B 440 25.20 -4.67 17.43
C VAL B 440 24.14 -4.41 16.35
N ILE B 441 23.30 -3.40 16.58
CA ILE B 441 22.19 -3.10 15.67
C ILE B 441 22.12 -1.63 15.26
N CYS B 442 22.89 -0.74 15.92
CA CYS B 442 22.88 0.68 15.51
C CYS B 442 24.30 1.21 15.60
N ALA B 443 24.74 2.05 14.69
CA ALA B 443 26.05 2.69 14.68
C ALA B 443 25.88 4.19 14.90
N PRO B 444 26.88 4.81 15.53
CA PRO B 444 26.83 6.26 15.70
C PRO B 444 27.17 7.00 14.40
N TRP B 445 26.69 8.22 14.36
CA TRP B 445 26.84 9.05 13.15
C TRP B 445 26.74 10.50 13.55
N GLU B 446 27.13 11.38 12.63
CA GLU B 446 27.09 12.82 12.92
C GLU B 446 26.38 13.51 11.78
N MET B 447 25.51 14.52 11.99
CA MET B 447 24.82 15.23 10.92
C MET B 447 25.77 16.23 10.26
N PRO B 448 25.97 16.14 8.95
CA PRO B 448 26.79 17.17 8.27
C PRO B 448 25.92 18.42 8.07
N LYS B 449 26.51 19.61 7.93
CA LYS B 449 25.70 20.80 7.65
C LYS B 449 25.29 20.80 6.19
N GLN B 450 26.15 20.24 5.33
CA GLN B 450 25.83 20.22 3.90
C GLN B 450 26.11 18.85 3.31
N ALA B 451 25.18 18.27 2.58
CA ALA B 451 25.38 16.94 2.05
C ALA B 451 24.30 16.65 1.02
N GLU B 452 24.57 15.65 0.19
CA GLU B 452 23.54 15.06 -0.69
C GLU B 452 23.47 13.58 -0.37
N GLY B 453 22.27 13.03 -0.44
CA GLY B 453 22.15 11.60 -0.25
C GLY B 453 21.04 11.04 -1.13
N VAL B 454 21.14 9.74 -1.37
CA VAL B 454 20.05 9.06 -2.08
C VAL B 454 19.89 7.67 -1.45
N GLY B 455 18.64 7.17 -1.41
CA GLY B 455 18.37 5.83 -0.91
C GLY B 455 17.52 5.14 -1.98
N PHE B 456 17.90 3.90 -2.25
CA PHE B 456 17.24 3.09 -3.24
C PHE B 456 16.62 1.83 -2.61
N VAL B 457 15.36 1.61 -2.94
CA VAL B 457 14.60 0.46 -2.50
C VAL B 457 13.94 -0.12 -3.75
N ASN B 458 14.01 -1.42 -3.92
CA ASN B 458 13.12 -2.03 -4.94
C ASN B 458 11.92 -2.51 -4.14
N ALA B 459 10.84 -1.77 -4.25
CA ALA B 459 9.62 -2.02 -3.51
C ALA B 459 8.77 -3.02 -4.23
N PRO B 460 7.68 -3.50 -3.66
CA PRO B 460 6.81 -4.44 -4.41
C PRO B 460 6.32 -3.90 -5.76
N ARG B 461 6.30 -2.59 -5.99
CA ARG B 461 5.91 -2.04 -7.29
C ARG B 461 7.12 -1.55 -8.11
N GLY B 462 8.34 -1.63 -7.58
CA GLY B 462 9.54 -1.36 -8.36
C GLY B 462 10.48 -0.37 -7.75
N GLY B 463 11.23 0.35 -8.61
CA GLY B 463 12.35 1.11 -8.10
C GLY B 463 11.94 2.41 -7.42
N LEU B 464 12.21 2.48 -6.13
CA LEU B 464 11.92 3.63 -5.30
C LEU B 464 13.20 4.37 -4.94
N SER B 465 13.19 5.70 -5.09
CA SER B 465 14.37 6.44 -4.65
C SER B 465 13.92 7.70 -3.92
N HIS B 466 14.61 8.00 -2.84
CA HIS B 466 14.47 9.22 -2.08
C HIS B 466 15.77 10.00 -2.18
N TRP B 467 15.66 11.29 -2.37
CA TRP B 467 16.83 12.13 -2.65
C TRP B 467 16.85 13.36 -1.74
N ILE B 468 17.95 13.53 -1.04
CA ILE B 468 17.99 14.68 -0.11
C ILE B 468 19.15 15.59 -0.43
N ARG B 469 18.90 16.90 -0.28
CA ARG B 469 19.93 17.92 -0.24
C ARG B 469 19.89 18.48 1.18
N ILE B 470 20.92 18.32 1.98
CA ILE B 470 20.98 18.88 3.33
C ILE B 470 21.70 20.22 3.27
N GLU B 471 21.10 21.28 3.85
CA GLU B 471 21.66 22.64 3.86
C GLU B 471 21.52 23.12 5.31
N ASP B 472 22.58 23.60 5.92
CA ASP B 472 22.55 24.02 7.32
C ASP B 472 22.00 22.91 8.20
N GLY B 473 22.29 21.68 7.86
CA GLY B 473 21.86 20.53 8.68
C GLY B 473 20.38 20.27 8.57
N LYS B 474 19.64 20.94 7.71
CA LYS B 474 18.20 20.79 7.54
C LYS B 474 17.84 20.31 6.15
N ILE B 475 16.55 19.95 5.95
CA ILE B 475 16.21 19.49 4.57
C ILE B 475 16.15 20.70 3.64
N GLY B 476 17.10 20.82 2.72
CA GLY B 476 17.01 21.89 1.71
C GLY B 476 16.09 21.47 0.58
N ASN B 477 16.21 20.22 0.14
CA ASN B 477 15.31 19.67 -0.87
C ASN B 477 15.12 18.20 -0.55
N PHE B 478 13.92 17.69 -0.71
CA PHE B 478 13.70 16.25 -0.50
C PHE B 478 12.78 15.80 -1.63
N GLN B 479 13.25 14.87 -2.44
CA GLN B 479 12.41 14.45 -3.59
C GLN B 479 12.22 12.94 -3.55
N LEU B 480 10.96 12.52 -3.71
CA LEU B 480 10.60 11.11 -3.87
C LEU B 480 10.32 10.82 -5.33
N VAL B 481 10.90 9.75 -5.88
CA VAL B 481 10.61 9.34 -7.24
C VAL B 481 10.17 7.90 -7.02
N VAL B 482 8.91 7.59 -7.26
CA VAL B 482 8.35 6.36 -6.70
C VAL B 482 7.96 5.40 -7.82
N PRO B 483 7.93 4.08 -7.62
CA PRO B 483 7.66 3.17 -8.76
C PRO B 483 6.40 3.51 -9.54
N SER B 484 5.27 3.78 -8.88
CA SER B 484 4.06 4.11 -9.65
C SER B 484 4.22 5.41 -10.41
N THR B 485 5.12 6.30 -9.97
CA THR B 485 5.36 7.51 -10.75
C THR B 485 5.93 7.12 -12.12
N TRP B 486 6.91 6.23 -12.19
CA TRP B 486 7.47 5.68 -13.40
C TRP B 486 6.40 5.06 -14.28
N THR B 487 5.61 4.16 -13.68
CA THR B 487 4.72 3.31 -14.46
C THR B 487 3.43 3.98 -14.87
N LEU B 488 2.88 4.83 -13.99
CA LEU B 488 1.57 5.40 -14.15
C LEU B 488 1.57 6.93 -14.29
N GLY B 489 2.76 7.53 -14.24
CA GLY B 489 2.80 8.98 -14.53
C GLY B 489 2.35 9.24 -15.95
N PRO B 490 2.15 10.50 -16.28
CA PRO B 490 1.68 10.85 -17.64
C PRO B 490 2.78 10.89 -18.66
N ARG B 491 2.47 11.44 -19.84
CA ARG B 491 3.41 11.73 -20.91
C ARG B 491 4.44 12.76 -20.45
N CYS B 492 5.60 12.77 -21.10
CA CYS B 492 6.68 13.70 -20.85
C CYS B 492 6.70 14.82 -21.88
N ASP B 493 7.73 15.70 -21.84
CA ASP B 493 7.75 16.78 -22.83
C ASP B 493 8.15 16.28 -24.20
N LYS B 494 8.39 15.00 -24.43
CA LYS B 494 8.55 14.47 -25.78
C LYS B 494 7.27 13.72 -26.23
N ASN B 495 6.26 13.84 -25.34
CA ASN B 495 4.92 13.32 -25.58
C ASN B 495 4.95 11.79 -25.63
N LYS B 496 5.92 11.16 -24.99
CA LYS B 496 5.96 9.70 -24.96
C LYS B 496 4.94 9.16 -23.96
N LEU B 497 4.12 8.23 -24.38
CA LEU B 497 3.17 7.60 -23.47
C LEU B 497 3.93 6.86 -22.36
N SER B 498 3.39 6.98 -21.15
CA SER B 498 3.95 6.22 -20.04
C SER B 498 3.68 4.72 -20.19
N PRO B 499 4.34 3.85 -19.42
CA PRO B 499 4.11 2.38 -19.57
C PRO B 499 2.63 2.04 -19.49
N VAL B 500 1.88 2.55 -18.51
CA VAL B 500 0.47 2.14 -18.42
C VAL B 500 -0.31 2.63 -19.62
N GLU B 501 -0.04 3.84 -20.08
CA GLU B 501 -0.79 4.41 -21.22
C GLU B 501 -0.52 3.56 -22.47
N ALA B 502 0.78 3.37 -22.72
CA ALA B 502 1.14 2.57 -23.91
C ALA B 502 0.58 1.17 -23.86
N SER B 503 0.58 0.56 -22.67
CA SER B 503 0.20 -0.85 -22.53
C SER B 503 -1.28 -1.05 -22.83
N LEU B 504 -2.05 0.02 -22.69
CA LEU B 504 -3.51 -0.01 -22.86
C LEU B 504 -3.89 0.02 -24.33
N ILE B 505 -3.00 0.48 -25.20
CA ILE B 505 -3.35 0.53 -26.61
C ILE B 505 -3.56 -0.91 -27.10
N GLY B 506 -4.67 -1.16 -27.78
CA GLY B 506 -4.96 -2.48 -28.29
C GLY B 506 -5.85 -3.30 -27.38
N THR B 507 -6.17 -2.76 -26.20
CA THR B 507 -7.00 -3.56 -25.31
C THR B 507 -8.37 -3.78 -25.97
N PRO B 508 -8.86 -4.98 -26.08
CA PRO B 508 -10.25 -5.13 -26.49
C PRO B 508 -11.25 -4.77 -25.39
N VAL B 509 -12.41 -4.26 -25.76
CA VAL B 509 -13.44 -3.95 -24.77
C VAL B 509 -14.76 -4.53 -25.25
N ALA B 510 -15.19 -5.63 -24.63
CA ALA B 510 -16.38 -6.36 -25.06
C ALA B 510 -17.63 -5.54 -24.77
N ASP B 511 -17.65 -4.91 -23.62
CA ASP B 511 -18.82 -4.18 -23.12
C ASP B 511 -18.33 -2.90 -22.46
N ALA B 512 -18.57 -1.81 -23.19
CA ALA B 512 -18.03 -0.51 -22.77
C ALA B 512 -18.58 -0.10 -21.41
N LYS B 513 -19.72 -0.64 -20.99
CA LYS B 513 -20.28 -0.25 -19.70
C LYS B 513 -19.63 -0.98 -18.54
N ARG B 514 -18.94 -2.06 -18.86
CA ARG B 514 -18.27 -2.91 -17.85
C ARG B 514 -16.88 -3.23 -18.36
N PRO B 515 -15.96 -2.27 -18.45
CA PRO B 515 -14.69 -2.43 -19.15
C PRO B 515 -13.60 -3.12 -18.31
N VAL B 516 -13.91 -4.38 -18.00
CA VAL B 516 -13.04 -5.18 -17.15
C VAL B 516 -11.68 -5.35 -17.82
N GLU B 517 -11.60 -5.36 -19.15
CA GLU B 517 -10.29 -5.57 -19.77
C GLU B 517 -9.36 -4.40 -19.48
N ILE B 518 -9.88 -3.17 -19.38
CA ILE B 518 -9.00 -2.07 -19.00
C ILE B 518 -8.52 -2.29 -17.58
N LEU B 519 -9.36 -2.75 -16.66
CA LEU B 519 -8.95 -2.94 -15.26
C LEU B 519 -7.91 -4.05 -15.23
N ARG B 520 -8.07 -5.10 -16.05
CA ARG B 520 -7.09 -6.19 -15.98
C ARG B 520 -5.68 -5.68 -16.22
N THR B 521 -5.53 -4.85 -17.27
CA THR B 521 -4.19 -4.35 -17.54
C THR B 521 -3.78 -3.35 -16.49
N VAL B 522 -4.62 -2.41 -16.11
CA VAL B 522 -4.22 -1.40 -15.14
C VAL B 522 -3.86 -2.09 -13.84
N HIS B 523 -4.70 -3.00 -13.37
CA HIS B 523 -4.39 -3.67 -12.11
C HIS B 523 -3.13 -4.50 -12.20
N SER B 524 -2.76 -4.99 -13.38
CA SER B 524 -1.57 -5.84 -13.48
C SER B 524 -0.33 -5.06 -13.06
N PHE B 525 -0.34 -3.73 -13.21
CA PHE B 525 0.78 -2.91 -12.75
C PHE B 525 0.73 -2.62 -11.25
N ASP B 526 -0.36 -2.95 -10.57
CA ASP B 526 -0.49 -2.74 -9.14
C ASP B 526 -0.31 -1.28 -8.80
N PRO B 527 -1.15 -0.39 -9.33
CA PRO B 527 -0.97 1.05 -9.11
C PRO B 527 -1.12 1.51 -7.70
N CYS B 528 -0.32 2.52 -7.36
CA CYS B 528 -0.43 3.14 -6.03
C CYS B 528 -0.34 4.63 -6.25
N ILE B 529 -1.44 5.35 -6.17
CA ILE B 529 -1.42 6.75 -6.55
C ILE B 529 -0.96 7.67 -5.44
N ALA B 530 -1.12 7.30 -4.19
CA ALA B 530 -0.52 8.05 -3.08
C ALA B 530 0.97 7.97 -3.19
N CYS B 531 1.49 6.78 -3.51
CA CYS B 531 2.89 6.60 -3.85
C CYS B 531 3.29 7.48 -5.01
N GLY B 532 2.55 7.38 -6.13
CA GLY B 532 3.04 8.03 -7.33
C GLY B 532 3.10 9.53 -7.23
N VAL B 533 2.14 10.12 -6.52
CA VAL B 533 2.05 11.59 -6.41
C VAL B 533 2.65 12.17 -5.16
N HIS B 534 2.48 11.54 -4.00
CA HIS B 534 2.97 12.05 -2.69
C HIS B 534 2.70 13.56 -2.52
FE1 SF4 C . -2.26 7.24 6.36
FE2 SF4 C . -3.52 9.35 7.37
FE3 SF4 C . -1.84 8.02 8.88
FE4 SF4 C . -4.19 6.85 8.19
S1 SF4 C . -3.95 8.68 9.52
S2 SF4 C . -2.14 5.92 8.24
S3 SF4 C . -4.52 7.75 6.08
S4 SF4 C . -1.29 9.19 6.95
FE1 SF4 D . 7.19 7.18 28.83
FE2 SF4 D . 8.23 6.86 26.39
FE3 SF4 D . 7.82 4.75 28.01
FE4 SF4 D . 9.78 6.50 28.65
S1 SF4 D . 9.72 5.11 26.83
S2 SF4 D . 8.30 5.58 30.06
S3 SF4 D . 8.80 8.49 27.93
S4 SF4 D . 6.18 6.16 27.05
FE1 F3S E . 2.83 6.44 19.78
FE3 F3S E . 1.03 4.43 19.60
FE4 F3S E . 1.35 6.17 17.56
S1 F3S E . 3.10 4.32 20.46
S2 F3S E . 3.55 6.78 17.63
S3 F3S E . 0.54 6.68 19.65
S4 F3S E . 1.02 3.95 17.38
MG MG F . 8.32 13.27 -6.26
NI FNE G . 2.29 2.45 -2.25
FE FNE G . 4.67 2.19 -3.30
C1 FNE G . 4.45 2.54 -5.23
C2 FNE G . 5.17 0.32 -3.63
C3 FNE G . 6.40 2.57 -3.25
O1 FNE G . 4.20 2.66 -6.36
O2 FNE G . 5.47 -0.74 -3.79
O3 FNE G . 7.50 2.78 -3.27
C CMO H . 1.52 0.91 -2.73
O CMO H . 0.76 0.24 -2.83
#